data_4GXV
#
_entry.id   4GXV
#
_cell.length_a   51.789
_cell.length_b   99.461
_cell.length_c   175.095
_cell.angle_alpha   90.00
_cell.angle_beta   90.00
_cell.angle_gamma   90.00
#
_symmetry.space_group_name_H-M   'P 21 21 21'
#
loop_
_entity.id
_entity.type
_entity.pdbx_description
1 polymer 'Antibody 1F1, heavy chain'
2 polymer 'Antibody 1F1, light chain'
3 water water
#
loop_
_entity_poly.entity_id
_entity_poly.type
_entity_poly.pdbx_seq_one_letter_code
_entity_poly.pdbx_strand_id
1 'polypeptide(L)'
;(PCA)VQLVQSGGGVVQPRRSLRLSCAASGFTFSSYAMHWVRQAPGKGLEWVAVISYDGRNKYYADSVKGRFTVSRDNSK
NTLYLQMNSLRAEDTSVYYCARELLMDYYDHIGYSPGPTWGQGTLVTVSSASTKGPSVFPLAPSSKSTSGGTAALGCLVK
DYFPEPVTVSWNSGALTSGVHTFPAVLQSSGLYSLSSVVTVPSSSLGTQTYICNVNHKPSNTKVDKRVEPKSCDK
;
H,I
2 'polypeptide(L)'
;(PCA)PVLTQPPSASGSPGQRVTISCSGSSSNIGSYTVNWYQQLPGTAPKLLIYSLNQRPSGVPDRFSGSKSGTSASLAI
SGLQSEDEAVYYCAAWDDSLSAHVVFGGGTKLTVLGQPKAAPSVTLFPPSSEELQANKATLVCLISDFYPGAVTVAWKAD
SSPVKAGVETTTPSKQSNNKYAASSYLSLTPEQWKSHRSYSCQVTHEGSTVEKTVAPTECS
;
L,M
#
# COMPACT_ATOMS: atom_id res chain seq x y z
N VAL A 2 -53.89 -26.58 -24.05
CA VAL A 2 -53.68 -25.26 -24.58
C VAL A 2 -52.20 -24.91 -24.47
N GLN A 3 -51.55 -24.60 -25.58
CA GLN A 3 -50.13 -24.35 -25.53
C GLN A 3 -49.62 -23.60 -26.73
N LEU A 4 -48.39 -23.09 -26.56
CA LEU A 4 -47.62 -22.40 -27.59
C LEU A 4 -46.24 -22.98 -27.53
N VAL A 5 -45.65 -23.25 -28.70
CA VAL A 5 -44.30 -23.78 -28.79
C VAL A 5 -43.46 -22.99 -29.76
N GLN A 6 -42.50 -22.27 -29.19
CA GLN A 6 -41.54 -21.51 -29.99
C GLN A 6 -40.41 -22.36 -30.53
N SER A 7 -39.95 -22.00 -31.72
CA SER A 7 -38.75 -22.61 -32.28
C SER A 7 -38.04 -21.55 -33.10
N GLY A 8 -36.77 -21.85 -33.40
CA GLY A 8 -36.00 -21.04 -34.33
C GLY A 8 -34.81 -20.34 -33.70
N GLY A 9 -34.69 -20.41 -32.38
CA GLY A 9 -33.61 -19.72 -31.72
C GLY A 9 -32.30 -20.38 -32.03
N GLY A 10 -31.24 -19.63 -31.81
CA GLY A 10 -29.90 -20.13 -31.98
C GLY A 10 -28.91 -18.99 -31.88
N VAL A 11 -27.66 -19.29 -32.24
CA VAL A 11 -26.59 -18.31 -32.23
C VAL A 11 -26.44 -17.70 -33.61
N VAL A 12 -26.36 -16.37 -33.65
CA VAL A 12 -26.23 -15.63 -34.89
C VAL A 12 -25.36 -14.40 -34.71
N GLN A 13 -24.81 -13.91 -35.81
CA GLN A 13 -24.03 -12.70 -35.76
C GLN A 13 -24.92 -11.45 -35.93
N PRO A 14 -24.42 -10.31 -35.45
CA PRO A 14 -25.16 -9.08 -35.75
C PRO A 14 -25.08 -8.78 -37.25
N ARG A 15 -26.09 -8.02 -37.68
CA ARG A 15 -26.19 -7.63 -39.12
C ARG A 15 -26.63 -8.82 -39.97
N ARG A 16 -27.16 -9.84 -39.30
CA ARG A 16 -27.78 -10.99 -39.96
C ARG A 16 -29.24 -11.10 -39.54
N SER A 17 -29.88 -12.20 -39.94
N SER A 17 -29.89 -12.20 -39.92
CA SER A 17 -31.28 -12.43 -39.63
CA SER A 17 -31.30 -12.39 -39.64
C SER A 17 -31.51 -13.75 -38.90
C SER A 17 -31.59 -13.78 -39.05
N LEU A 18 -32.70 -13.85 -38.32
CA LEU A 18 -33.18 -15.10 -37.74
C LEU A 18 -34.70 -15.05 -37.77
N ARG A 19 -35.33 -16.18 -38.01
CA ARG A 19 -36.79 -16.26 -38.01
C ARG A 19 -37.29 -17.18 -36.90
N LEU A 20 -38.12 -16.63 -36.02
CA LEU A 20 -38.79 -17.45 -35.00
C LEU A 20 -40.18 -17.84 -35.41
N SER A 21 -40.64 -18.97 -34.89
N SER A 21 -40.61 -19.05 -35.00
CA SER A 21 -42.00 -19.36 -35.06
CA SER A 21 -41.96 -19.60 -35.22
C SER A 21 -42.56 -19.79 -33.73
C SER A 21 -42.58 -20.06 -33.90
N CYS A 22 -43.88 -19.80 -33.69
CA CYS A 22 -44.57 -20.23 -32.50
C CYS A 22 -45.82 -20.95 -32.97
N ALA A 23 -45.91 -22.23 -32.65
CA ALA A 23 -46.98 -23.10 -33.10
C ALA A 23 -47.99 -23.23 -31.96
N ALA A 24 -49.23 -22.83 -32.22
CA ALA A 24 -50.28 -22.88 -31.23
C ALA A 24 -51.10 -24.14 -31.41
N SER A 25 -51.58 -24.67 -30.29
CA SER A 25 -52.56 -25.74 -30.32
C SER A 25 -53.50 -25.66 -29.14
N GLY A 26 -54.67 -26.26 -29.32
CA GLY A 26 -55.63 -26.43 -28.25
C GLY A 26 -56.54 -25.26 -27.94
N PHE A 27 -56.48 -24.22 -28.76
CA PHE A 27 -57.37 -23.06 -28.64
C PHE A 27 -57.51 -22.41 -30.00
N THR A 28 -58.47 -21.50 -30.16
CA THR A 28 -58.72 -20.95 -31.48
C THR A 28 -57.78 -19.77 -31.74
N PHE A 29 -56.60 -20.11 -32.20
CA PHE A 29 -55.54 -19.15 -32.47
C PHE A 29 -56.01 -17.99 -33.34
N SER A 30 -56.78 -18.30 -34.36
CA SER A 30 -57.19 -17.29 -35.33
C SER A 30 -58.10 -16.24 -34.72
N SER A 31 -58.59 -16.46 -33.51
CA SER A 31 -59.46 -15.49 -32.85
C SER A 31 -58.72 -14.53 -31.91
N TYR A 32 -57.41 -14.68 -31.78
CA TYR A 32 -56.65 -13.91 -30.80
C TYR A 32 -55.52 -13.13 -31.39
N ALA A 33 -55.36 -11.91 -30.90
CA ALA A 33 -54.12 -11.19 -31.06
C ALA A 33 -52.99 -11.96 -30.37
N MET A 34 -51.77 -11.78 -30.83
CA MET A 34 -50.62 -12.51 -30.33
C MET A 34 -49.47 -11.58 -30.09
N HIS A 35 -48.73 -11.83 -29.01
CA HIS A 35 -47.56 -11.04 -28.64
C HIS A 35 -46.26 -11.79 -28.70
N TRP A 36 -45.17 -11.04 -28.90
CA TRP A 36 -43.82 -11.48 -28.61
C TRP A 36 -43.30 -10.61 -27.47
N VAL A 37 -42.63 -11.25 -26.51
CA VAL A 37 -42.04 -10.63 -25.33
C VAL A 37 -40.65 -11.22 -25.20
N ARG A 38 -39.65 -10.45 -24.80
CA ARG A 38 -38.32 -11.01 -24.67
C ARG A 38 -37.71 -10.67 -23.30
N GLN A 39 -36.64 -11.38 -22.98
CA GLN A 39 -35.99 -11.24 -21.68
C GLN A 39 -34.53 -11.58 -21.81
N ALA A 40 -33.69 -10.58 -21.55
CA ALA A 40 -32.25 -10.79 -21.61
C ALA A 40 -31.81 -11.49 -20.34
N PRO A 41 -30.73 -12.28 -20.38
CA PRO A 41 -30.32 -13.04 -19.21
C PRO A 41 -30.14 -12.17 -17.97
N GLY A 42 -30.81 -12.55 -16.90
CA GLY A 42 -30.71 -11.84 -15.64
C GLY A 42 -31.49 -10.53 -15.59
N LYS A 43 -32.23 -10.22 -16.65
CA LYS A 43 -32.91 -8.92 -16.77
C LYS A 43 -34.44 -9.10 -16.81
N GLY A 44 -35.16 -8.01 -17.06
CA GLY A 44 -36.61 -8.00 -16.98
C GLY A 44 -37.28 -8.32 -18.30
N LEU A 45 -38.60 -8.44 -18.25
CA LEU A 45 -39.41 -8.61 -19.45
C LEU A 45 -39.50 -7.30 -20.29
N GLU A 46 -39.42 -7.46 -21.60
CA GLU A 46 -39.58 -6.37 -22.53
C GLU A 46 -40.49 -6.76 -23.66
N TRP A 47 -41.54 -6.00 -23.85
CA TRP A 47 -42.45 -6.31 -24.94
C TRP A 47 -41.82 -6.03 -26.28
N VAL A 48 -42.07 -6.89 -27.25
CA VAL A 48 -41.50 -6.76 -28.60
C VAL A 48 -42.54 -6.35 -29.65
N ALA A 49 -43.70 -7.00 -29.70
CA ALA A 49 -44.68 -6.72 -30.75
C ALA A 49 -46.01 -7.38 -30.43
N VAL A 50 -47.07 -6.92 -31.08
CA VAL A 50 -48.36 -7.58 -31.08
C VAL A 50 -48.90 -7.54 -32.50
N ILE A 51 -49.64 -8.56 -32.87
CA ILE A 51 -50.35 -8.65 -34.13
C ILE A 51 -51.81 -9.03 -33.91
N SER A 52 -52.71 -8.34 -34.60
CA SER A 52 -54.10 -8.60 -34.44
C SER A 52 -54.45 -9.95 -35.02
N TYR A 53 -55.67 -10.40 -34.70
CA TYR A 53 -56.09 -11.75 -35.08
C TYR A 53 -56.03 -12.01 -36.57
N ASP A 54 -56.33 -10.99 -37.37
CA ASP A 54 -56.37 -11.11 -38.83
C ASP A 54 -55.09 -10.61 -39.49
N GLY A 55 -54.09 -10.24 -38.69
CA GLY A 55 -52.85 -9.75 -39.24
C GLY A 55 -52.85 -8.33 -39.80
N ARG A 56 -53.93 -7.60 -39.66
CA ARG A 56 -54.08 -6.30 -40.32
C ARG A 56 -53.39 -5.19 -39.53
N ASN A 57 -53.24 -5.39 -38.24
CA ASN A 57 -52.64 -4.37 -37.40
C ASN A 57 -51.50 -4.92 -36.59
N LYS A 58 -50.35 -4.25 -36.66
CA LYS A 58 -49.17 -4.64 -35.93
C LYS A 58 -48.64 -3.45 -35.14
N TYR A 59 -48.12 -3.68 -33.95
CA TYR A 59 -47.42 -2.66 -33.18
C TYR A 59 -46.12 -3.23 -32.66
N TYR A 60 -45.11 -2.39 -32.52
CA TYR A 60 -43.76 -2.75 -32.21
C TYR A 60 -43.14 -1.90 -31.15
N ALA A 61 -42.23 -2.51 -30.42
CA ALA A 61 -41.34 -1.77 -29.54
C ALA A 61 -40.51 -0.84 -30.40
N ASP A 62 -40.25 0.35 -29.89
CA ASP A 62 -39.44 1.31 -30.66
C ASP A 62 -38.11 0.74 -31.11
N SER A 63 -37.44 -0.02 -30.26
CA SER A 63 -36.09 -0.47 -30.59
C SER A 63 -36.03 -1.48 -31.74
N VAL A 64 -37.15 -2.11 -32.10
CA VAL A 64 -37.16 -3.12 -33.17
C VAL A 64 -37.88 -2.60 -34.44
N LYS A 65 -38.48 -1.43 -34.38
CA LYS A 65 -39.06 -0.82 -35.57
C LYS A 65 -38.05 -0.68 -36.68
N GLY A 66 -38.41 -1.18 -37.86
CA GLY A 66 -37.52 -1.07 -39.01
C GLY A 66 -36.68 -2.31 -39.17
N ARG A 67 -36.71 -3.19 -38.20
CA ARG A 67 -35.81 -4.37 -38.13
C ARG A 67 -36.58 -5.66 -38.00
N PHE A 68 -37.56 -5.71 -37.11
CA PHE A 68 -38.32 -6.94 -36.91
C PHE A 68 -39.67 -6.82 -37.58
N THR A 69 -40.21 -7.95 -37.99
CA THR A 69 -41.56 -7.97 -38.53
C THR A 69 -42.33 -9.15 -37.97
N VAL A 70 -43.49 -8.89 -37.38
CA VAL A 70 -44.37 -9.95 -36.87
C VAL A 70 -45.38 -10.27 -37.93
N SER A 71 -45.67 -11.58 -38.06
CA SER A 71 -46.66 -12.04 -39.02
C SER A 71 -47.28 -13.31 -38.48
N ARG A 72 -48.31 -13.80 -39.15
CA ARG A 72 -48.98 -15.00 -38.72
C ARG A 72 -49.60 -15.70 -39.90
N ASP A 73 -49.77 -17.01 -39.75
CA ASP A 73 -50.48 -17.82 -40.71
C ASP A 73 -51.54 -18.58 -39.93
N ASN A 74 -52.78 -18.12 -40.00
CA ASN A 74 -53.83 -18.76 -39.23
C ASN A 74 -54.15 -20.19 -39.67
N SER A 75 -53.96 -20.51 -40.94
N SER A 75 -53.96 -20.50 -40.94
CA SER A 75 -54.23 -21.86 -41.42
CA SER A 75 -54.21 -21.84 -41.46
C SER A 75 -53.26 -22.87 -40.80
C SER A 75 -53.25 -22.86 -40.81
N LYS A 76 -52.08 -22.40 -40.43
CA LYS A 76 -51.07 -23.24 -39.78
C LYS A 76 -51.03 -23.03 -38.28
N ASN A 77 -51.87 -22.13 -37.75
CA ASN A 77 -51.87 -21.79 -36.34
C ASN A 77 -50.48 -21.43 -35.87
N THR A 78 -49.81 -20.61 -36.67
CA THR A 78 -48.43 -20.24 -36.39
C THR A 78 -48.24 -18.73 -36.39
N LEU A 79 -47.46 -18.28 -35.42
CA LEU A 79 -47.00 -16.92 -35.31
C LEU A 79 -45.52 -16.85 -35.68
N TYR A 80 -45.11 -15.79 -36.37
CA TYR A 80 -43.72 -15.62 -36.74
C TYR A 80 -43.14 -14.30 -36.23
N LEU A 81 -41.84 -14.31 -35.97
CA LEU A 81 -41.07 -13.06 -35.77
C LEU A 81 -39.86 -13.14 -36.67
N GLN A 82 -39.83 -12.27 -37.69
CA GLN A 82 -38.69 -12.18 -38.60
C GLN A 82 -37.77 -11.12 -38.06
N MET A 83 -36.59 -11.54 -37.60
CA MET A 83 -35.66 -10.66 -36.89
C MET A 83 -34.54 -10.34 -37.85
N ASN A 84 -34.70 -9.25 -38.58
CA ASN A 84 -33.67 -8.79 -39.49
C ASN A 84 -32.83 -7.74 -38.80
N SER A 85 -31.68 -7.42 -39.38
CA SER A 85 -30.83 -6.35 -38.88
C SER A 85 -30.53 -6.56 -37.42
N LEU A 86 -30.12 -7.79 -37.09
CA LEU A 86 -29.88 -8.16 -35.70
C LEU A 86 -28.75 -7.33 -35.08
N ARG A 87 -28.93 -7.05 -33.80
CA ARG A 87 -27.95 -6.32 -32.99
C ARG A 87 -27.65 -7.16 -31.75
N ALA A 88 -26.50 -6.97 -31.14
CA ALA A 88 -26.10 -7.73 -29.97
C ALA A 88 -27.14 -7.64 -28.87
N GLU A 89 -27.70 -6.46 -28.64
CA GLU A 89 -28.66 -6.29 -27.57
C GLU A 89 -30.00 -6.96 -27.84
N ASP A 90 -30.17 -7.57 -29.00
CA ASP A 90 -31.35 -8.39 -29.25
C ASP A 90 -31.21 -9.78 -28.63
N THR A 91 -30.04 -10.07 -28.09
CA THR A 91 -29.85 -11.33 -27.34
C THR A 91 -30.85 -11.42 -26.20
N SER A 92 -31.60 -12.52 -26.16
CA SER A 92 -32.72 -12.66 -25.21
C SER A 92 -33.37 -14.01 -25.42
N VAL A 93 -34.13 -14.42 -24.43
CA VAL A 93 -35.15 -15.44 -24.65
C VAL A 93 -36.40 -14.76 -25.14
N TYR A 94 -36.94 -15.28 -26.24
CA TYR A 94 -38.15 -14.78 -26.86
C TYR A 94 -39.33 -15.70 -26.55
N TYR A 95 -40.39 -15.11 -25.99
CA TYR A 95 -41.62 -15.79 -25.67
C TYR A 95 -42.74 -15.31 -26.58
N CYS A 96 -43.61 -16.21 -27.04
CA CYS A 96 -44.88 -15.80 -27.54
C CYS A 96 -45.95 -15.92 -26.46
N ALA A 97 -46.95 -15.09 -26.56
CA ALA A 97 -48.02 -15.04 -25.58
C ALA A 97 -49.30 -14.63 -26.26
N ARG A 98 -50.37 -15.30 -25.86
CA ARG A 98 -51.67 -14.98 -26.39
C ARG A 98 -52.24 -13.73 -25.68
N GLU A 99 -52.94 -12.87 -26.43
CA GLU A 99 -53.68 -11.77 -25.85
C GLU A 99 -54.70 -12.25 -24.85
N LEU A 100 -54.99 -11.42 -23.85
CA LEU A 100 -55.93 -11.73 -22.79
C LEU A 100 -57.35 -12.05 -23.32
N LEU A 101 -57.97 -11.12 -24.04
CA LEU A 101 -59.33 -11.34 -24.53
C LEU A 101 -59.38 -11.59 -26.03
N MET A 102 -60.48 -12.14 -26.53
CA MET A 102 -60.55 -12.48 -27.95
C MET A 102 -60.69 -11.24 -28.80
N ASP A 103 -61.40 -10.24 -28.28
CA ASP A 103 -61.59 -9.03 -29.08
C ASP A 103 -61.04 -7.78 -28.40
N TYR A 104 -60.99 -6.70 -29.16
CA TYR A 104 -60.29 -5.48 -28.75
C TYR A 104 -61.22 -4.43 -28.17
N TYR A 105 -60.77 -3.80 -27.08
CA TYR A 105 -61.58 -2.83 -26.36
C TYR A 105 -60.74 -1.59 -26.00
N ASP A 106 -61.45 -0.50 -25.71
CA ASP A 106 -60.85 0.82 -25.53
C ASP A 106 -60.11 0.98 -24.19
N HIS A 107 -60.63 0.34 -23.15
CA HIS A 107 -60.09 0.52 -21.80
C HIS A 107 -59.05 -0.56 -21.51
N ILE A 108 -58.86 -1.47 -22.46
CA ILE A 108 -57.87 -2.52 -22.30
C ILE A 108 -56.62 -2.36 -23.15
N GLY A 109 -56.76 -1.95 -24.42
CA GLY A 109 -55.61 -1.91 -25.33
C GLY A 109 -55.13 -3.29 -25.78
N TYR A 110 -53.86 -3.61 -25.61
CA TYR A 110 -53.40 -5.02 -25.70
C TYR A 110 -52.60 -5.38 -24.45
N SER A 111 -52.65 -6.65 -24.03
CA SER A 111 -51.77 -7.11 -22.95
C SER A 111 -51.58 -8.60 -23.01
N PRO A 112 -50.38 -9.06 -22.71
CA PRO A 112 -50.15 -10.50 -22.71
C PRO A 112 -51.08 -11.20 -21.72
N GLY A 113 -51.65 -12.32 -22.16
CA GLY A 113 -52.65 -13.05 -21.41
C GLY A 113 -52.10 -14.29 -20.75
N PRO A 114 -52.93 -15.34 -20.68
CA PRO A 114 -52.56 -16.46 -19.79
C PRO A 114 -51.70 -17.52 -20.45
N THR A 115 -51.72 -17.58 -21.77
CA THR A 115 -50.99 -18.63 -22.47
C THR A 115 -49.67 -18.14 -22.98
N TRP A 116 -48.57 -18.70 -22.50
CA TRP A 116 -47.22 -18.34 -22.86
C TRP A 116 -46.50 -19.61 -23.33
N GLY A 117 -45.60 -19.43 -24.29
CA GLY A 117 -44.72 -20.51 -24.72
C GLY A 117 -43.58 -20.67 -23.74
N GLN A 118 -42.62 -21.54 -24.07
CA GLN A 118 -41.54 -21.87 -23.16
C GLN A 118 -40.33 -21.00 -23.35
N GLY A 119 -40.31 -20.28 -24.46
CA GLY A 119 -39.19 -19.42 -24.80
C GLY A 119 -38.21 -20.08 -25.74
N THR A 120 -37.62 -19.29 -26.61
CA THR A 120 -36.50 -19.77 -27.44
C THR A 120 -35.38 -18.73 -27.31
N LEU A 121 -34.15 -19.20 -27.09
CA LEU A 121 -33.02 -18.30 -26.89
C LEU A 121 -32.41 -17.90 -28.21
N VAL A 122 -32.30 -16.60 -28.38
CA VAL A 122 -31.51 -16.02 -29.47
C VAL A 122 -30.25 -15.36 -28.89
N THR A 123 -29.09 -15.79 -29.35
CA THR A 123 -27.81 -15.21 -28.94
C THR A 123 -27.15 -14.54 -30.14
N VAL A 124 -27.02 -13.22 -30.06
CA VAL A 124 -26.42 -12.43 -31.11
C VAL A 124 -25.06 -11.96 -30.68
N SER A 125 -24.01 -12.40 -31.37
CA SER A 125 -22.64 -12.13 -30.97
C SER A 125 -21.71 -12.18 -32.16
N SER A 126 -20.75 -11.30 -32.17
CA SER A 126 -19.76 -11.33 -33.20
C SER A 126 -18.43 -11.88 -32.68
N ALA A 127 -18.44 -12.40 -31.46
CA ALA A 127 -17.22 -12.94 -30.88
C ALA A 127 -16.92 -14.34 -31.41
N SER A 128 -15.68 -14.76 -31.25
CA SER A 128 -15.25 -16.05 -31.76
C SER A 128 -14.25 -16.58 -30.77
N THR A 129 -14.03 -17.88 -30.84
CA THR A 129 -13.21 -18.57 -29.88
C THR A 129 -11.92 -17.83 -29.51
N LYS A 130 -11.76 -17.61 -28.21
CA LYS A 130 -10.60 -16.88 -27.70
C LYS A 130 -10.32 -17.32 -26.25
N GLY A 131 -9.07 -17.68 -25.96
CA GLY A 131 -8.73 -18.07 -24.61
C GLY A 131 -8.46 -16.88 -23.74
N PRO A 132 -8.48 -17.09 -22.45
CA PRO A 132 -8.37 -16.00 -21.48
C PRO A 132 -6.97 -15.51 -21.25
N SER A 133 -6.89 -14.25 -20.82
CA SER A 133 -5.70 -13.73 -20.18
C SER A 133 -5.88 -13.91 -18.70
N VAL A 134 -4.88 -14.37 -18.00
CA VAL A 134 -5.01 -14.64 -16.58
C VAL A 134 -4.09 -13.71 -15.78
N PHE A 135 -4.65 -12.97 -14.83
CA PHE A 135 -3.86 -12.08 -13.98
C PHE A 135 -3.97 -12.46 -12.53
N PRO A 136 -2.88 -12.36 -11.78
CA PRO A 136 -2.93 -12.70 -10.37
C PRO A 136 -3.66 -11.62 -9.59
N LEU A 137 -4.42 -12.01 -8.58
CA LEU A 137 -5.04 -11.10 -7.62
C LEU A 137 -4.34 -11.35 -6.31
N ALA A 138 -3.29 -10.57 -6.09
CA ALA A 138 -2.35 -10.85 -5.01
C ALA A 138 -2.96 -10.66 -3.65
N PRO A 139 -2.57 -11.51 -2.68
CA PRO A 139 -3.02 -11.30 -1.31
C PRO A 139 -2.41 -10.01 -0.78
N SER A 140 -3.06 -9.35 0.14
CA SER A 140 -2.48 -8.15 0.75
C SER A 140 -3.08 -7.92 2.12
N SER A 141 -2.50 -6.98 2.88
CA SER A 141 -3.07 -6.65 4.17
C SER A 141 -4.56 -6.33 4.03
N LYS A 142 -4.93 -5.74 2.89
CA LYS A 142 -6.30 -5.29 2.64
C LYS A 142 -7.25 -6.44 2.29
N SER A 143 -6.69 -7.59 1.92
CA SER A 143 -7.50 -8.80 1.70
C SER A 143 -7.32 -9.80 2.84
N THR A 144 -6.84 -9.30 3.98
CA THR A 144 -6.55 -10.14 5.13
C THR A 144 -7.30 -9.66 6.35
N SER A 145 -7.99 -10.58 7.00
CA SER A 145 -8.76 -10.28 8.19
C SER A 145 -8.97 -11.56 8.98
N GLY A 146 -8.51 -11.55 10.22
CA GLY A 146 -8.78 -12.64 11.15
C GLY A 146 -7.97 -13.90 10.91
N GLY A 147 -6.73 -13.74 10.47
CA GLY A 147 -5.86 -14.88 10.25
C GLY A 147 -6.11 -15.56 8.92
N THR A 148 -6.98 -14.97 8.10
CA THR A 148 -7.26 -15.51 6.77
C THR A 148 -7.01 -14.47 5.70
N ALA A 149 -6.33 -14.87 4.63
CA ALA A 149 -6.06 -13.95 3.53
C ALA A 149 -6.83 -14.41 2.32
N ALA A 150 -7.26 -13.45 1.51
CA ALA A 150 -7.90 -13.73 0.24
C ALA A 150 -6.95 -13.40 -0.91
N LEU A 151 -6.90 -14.31 -1.88
CA LEU A 151 -6.10 -14.12 -3.07
C LEU A 151 -6.82 -14.76 -4.24
N GLY A 152 -6.44 -14.46 -5.46
CA GLY A 152 -7.21 -14.98 -6.56
C GLY A 152 -6.60 -14.88 -7.91
N CYS A 153 -7.41 -15.24 -8.89
N CYS A 153 -7.40 -15.16 -8.92
CA CYS A 153 -7.06 -15.11 -10.28
CA CYS A 153 -6.98 -14.95 -10.28
C CYS A 153 -8.20 -14.41 -11.02
C CYS A 153 -8.13 -14.51 -11.14
N LEU A 154 -7.84 -13.48 -11.91
CA LEU A 154 -8.77 -12.80 -12.78
C LEU A 154 -8.62 -13.42 -14.16
N VAL A 155 -9.69 -14.00 -14.67
CA VAL A 155 -9.66 -14.70 -15.94
C VAL A 155 -10.40 -13.86 -16.95
N LYS A 156 -9.66 -13.15 -17.79
CA LYS A 156 -10.20 -12.05 -18.54
C LYS A 156 -10.35 -12.35 -20.02
N ASP A 157 -11.44 -11.88 -20.57
CA ASP A 157 -11.61 -11.76 -22.03
C ASP A 157 -11.52 -13.05 -22.78
N TYR A 158 -12.40 -13.99 -22.43
CA TYR A 158 -12.46 -15.24 -23.18
C TYR A 158 -13.84 -15.44 -23.82
N PHE A 159 -13.91 -16.38 -24.76
CA PHE A 159 -15.16 -16.70 -25.42
C PHE A 159 -15.04 -18.06 -26.10
N PRO A 160 -16.10 -18.88 -26.02
CA PRO A 160 -17.34 -18.72 -25.29
C PRO A 160 -17.16 -19.28 -23.90
N GLU A 161 -18.22 -19.29 -23.10
CA GLU A 161 -18.21 -20.08 -21.87
C GLU A 161 -18.12 -21.54 -22.21
N PRO A 162 -17.66 -22.37 -21.27
CA PRO A 162 -17.18 -22.03 -19.93
C PRO A 162 -15.68 -22.11 -19.77
N VAL A 163 -15.20 -21.59 -18.65
N VAL A 163 -15.25 -21.60 -18.63
CA VAL A 163 -13.85 -21.85 -18.18
CA VAL A 163 -13.90 -21.79 -18.11
C VAL A 163 -13.96 -22.46 -16.80
C VAL A 163 -14.03 -22.56 -16.81
N THR A 164 -13.02 -23.36 -16.49
CA THR A 164 -12.96 -23.98 -15.17
C THR A 164 -11.68 -23.53 -14.50
N VAL A 165 -11.73 -23.42 -13.18
CA VAL A 165 -10.57 -23.01 -12.40
C VAL A 165 -10.42 -23.99 -11.26
N SER A 166 -9.22 -24.53 -11.08
CA SER A 166 -8.90 -25.21 -9.85
C SER A 166 -7.70 -24.50 -9.23
N TRP A 167 -7.37 -24.91 -8.02
CA TRP A 167 -6.24 -24.37 -7.31
C TRP A 167 -5.33 -25.52 -6.89
N ASN A 168 -4.05 -25.38 -7.20
CA ASN A 168 -3.05 -26.37 -6.84
C ASN A 168 -3.46 -27.75 -7.32
N SER A 169 -4.01 -27.78 -8.54
CA SER A 169 -4.41 -29.03 -9.18
C SER A 169 -5.39 -29.83 -8.34
N GLY A 170 -6.23 -29.13 -7.59
CA GLY A 170 -7.24 -29.78 -6.79
C GLY A 170 -6.84 -29.95 -5.35
N ALA A 171 -5.61 -29.60 -4.99
CA ALA A 171 -5.13 -29.77 -3.61
C ALA A 171 -5.72 -28.72 -2.67
N LEU A 172 -6.28 -27.67 -3.25
CA LEU A 172 -6.91 -26.61 -2.48
C LEU A 172 -8.34 -26.47 -2.93
N THR A 173 -9.27 -26.77 -2.03
CA THR A 173 -10.69 -26.71 -2.35
C THR A 173 -11.47 -25.95 -1.31
N SER A 174 -11.06 -26.05 -0.05
CA SER A 174 -11.76 -25.36 1.02
C SER A 174 -11.44 -23.89 0.88
N GLY A 175 -12.48 -23.08 0.84
CA GLY A 175 -12.29 -21.64 0.75
C GLY A 175 -12.16 -21.15 -0.68
N VAL A 176 -12.32 -22.04 -1.66
CA VAL A 176 -12.32 -21.62 -3.07
C VAL A 176 -13.71 -21.18 -3.52
N HIS A 177 -13.77 -20.03 -4.16
CA HIS A 177 -15.02 -19.51 -4.72
C HIS A 177 -14.75 -18.95 -6.10
N THR A 178 -15.27 -19.62 -7.11
CA THR A 178 -15.13 -19.18 -8.47
C THR A 178 -16.46 -18.59 -8.82
N PHE A 179 -16.44 -17.32 -9.19
CA PHE A 179 -17.65 -16.57 -9.38
C PHE A 179 -18.17 -16.74 -10.77
N PRO A 180 -19.49 -16.64 -10.93
CA PRO A 180 -20.00 -16.55 -12.31
C PRO A 180 -19.43 -15.40 -13.11
N ALA A 181 -19.32 -15.65 -14.40
CA ALA A 181 -18.73 -14.70 -15.32
C ALA A 181 -19.64 -13.51 -15.60
N VAL A 182 -19.00 -12.39 -15.93
CA VAL A 182 -19.65 -11.22 -16.48
C VAL A 182 -19.47 -11.25 -17.99
N LEU A 183 -20.53 -10.91 -18.72
CA LEU A 183 -20.43 -10.67 -20.16
C LEU A 183 -20.26 -9.18 -20.39
N GLN A 184 -19.11 -8.83 -20.91
CA GLN A 184 -18.70 -7.44 -21.09
C GLN A 184 -19.31 -6.89 -22.39
N SER A 185 -19.36 -5.56 -22.50
CA SER A 185 -19.92 -4.93 -23.68
C SER A 185 -19.15 -5.35 -24.94
N SER A 186 -17.91 -5.79 -24.75
CA SER A 186 -17.07 -6.24 -25.85
C SER A 186 -17.51 -7.58 -26.43
N GLY A 187 -18.39 -8.28 -25.72
CA GLY A 187 -18.83 -9.60 -26.15
C GLY A 187 -18.00 -10.74 -25.58
N LEU A 188 -16.99 -10.41 -24.79
CA LEU A 188 -16.14 -11.40 -24.14
C LEU A 188 -16.50 -11.51 -22.65
N TYR A 189 -16.21 -12.67 -22.10
CA TYR A 189 -16.47 -12.97 -20.70
C TYR A 189 -15.25 -12.73 -19.85
N SER A 190 -15.47 -12.43 -18.58
CA SER A 190 -14.42 -12.48 -17.57
C SER A 190 -15.00 -13.06 -16.30
N LEU A 191 -14.18 -13.76 -15.53
CA LEU A 191 -14.59 -14.21 -14.21
C LEU A 191 -13.39 -14.12 -13.28
N SER A 192 -13.66 -14.24 -11.99
CA SER A 192 -12.60 -14.31 -11.01
C SER A 192 -12.79 -15.54 -10.14
N SER A 193 -11.69 -16.09 -9.64
CA SER A 193 -11.72 -17.16 -8.66
C SER A 193 -10.89 -16.71 -7.49
N VAL A 194 -11.40 -16.85 -6.28
CA VAL A 194 -10.76 -16.35 -5.09
C VAL A 194 -10.71 -17.49 -4.07
N VAL A 195 -9.61 -17.54 -3.33
CA VAL A 195 -9.46 -18.52 -2.28
C VAL A 195 -9.14 -17.79 -1.00
N THR A 196 -9.74 -18.24 0.10
CA THR A 196 -9.40 -17.76 1.42
C THR A 196 -8.50 -18.83 2.05
N VAL A 197 -7.33 -18.42 2.51
CA VAL A 197 -6.38 -19.37 3.10
C VAL A 197 -5.86 -18.82 4.41
N PRO A 198 -5.33 -19.71 5.24
CA PRO A 198 -4.73 -19.16 6.46
C PRO A 198 -3.58 -18.22 6.08
N SER A 199 -3.54 -17.04 6.67
CA SER A 199 -2.46 -16.09 6.41
C SER A 199 -1.11 -16.76 6.65
N SER A 200 -1.10 -17.69 7.59
CA SER A 200 0.09 -18.42 7.99
C SER A 200 0.80 -19.11 6.83
N SER A 201 0.09 -19.36 5.74
CA SER A 201 0.64 -20.18 4.67
C SER A 201 1.24 -19.34 3.55
N LEU A 202 1.01 -18.03 3.57
CA LEU A 202 1.39 -17.18 2.46
C LEU A 202 2.90 -17.21 2.18
N GLY A 203 3.67 -17.65 3.17
CA GLY A 203 5.10 -17.81 2.98
C GLY A 203 5.46 -19.19 2.47
N THR A 204 4.96 -20.22 3.14
CA THR A 204 5.36 -21.60 2.85
C THR A 204 4.59 -22.23 1.68
N GLN A 205 3.29 -21.94 1.58
CA GLN A 205 2.46 -22.62 0.60
C GLN A 205 2.47 -21.86 -0.72
N THR A 206 2.57 -22.58 -1.81
CA THR A 206 2.48 -22.01 -3.14
C THR A 206 1.04 -22.09 -3.60
N TYR A 207 0.57 -21.04 -4.28
CA TYR A 207 -0.79 -20.99 -4.76
C TYR A 207 -0.78 -20.80 -6.25
N ILE A 208 -1.33 -21.78 -6.95
CA ILE A 208 -1.37 -21.79 -8.41
C ILE A 208 -2.79 -21.96 -8.87
N CYS A 209 -3.28 -21.04 -9.67
N CYS A 209 -3.23 -21.09 -9.77
CA CYS A 209 -4.56 -21.26 -10.27
CA CYS A 209 -4.59 -21.11 -10.30
C CYS A 209 -4.36 -21.95 -11.60
C CYS A 209 -4.63 -21.75 -11.70
N ASN A 210 -5.18 -22.97 -11.79
CA ASN A 210 -5.18 -23.74 -13.02
C ASN A 210 -6.44 -23.44 -13.83
N VAL A 211 -6.29 -22.76 -14.94
CA VAL A 211 -7.40 -22.25 -15.72
C VAL A 211 -7.50 -23.08 -16.97
N ASN A 212 -8.67 -23.67 -17.24
CA ASN A 212 -8.87 -24.46 -18.43
C ASN A 212 -10.02 -23.87 -19.24
N HIS A 213 -9.75 -23.59 -20.50
CA HIS A 213 -10.77 -23.12 -21.43
C HIS A 213 -10.82 -24.10 -22.58
N LYS A 214 -11.68 -25.10 -22.43
CA LYS A 214 -11.77 -26.20 -23.37
C LYS A 214 -12.14 -25.73 -24.78
N PRO A 215 -13.05 -24.74 -24.87
CA PRO A 215 -13.45 -24.33 -26.21
C PRO A 215 -12.29 -23.88 -27.08
N SER A 216 -11.25 -23.29 -26.49
CA SER A 216 -10.06 -22.92 -27.24
C SER A 216 -8.88 -23.82 -26.95
N ASN A 217 -9.09 -24.89 -26.20
CA ASN A 217 -7.98 -25.80 -25.87
C ASN A 217 -6.80 -25.02 -25.32
N THR A 218 -7.09 -24.08 -24.41
CA THR A 218 -6.10 -23.30 -23.69
C THR A 218 -6.05 -23.76 -22.25
N LYS A 219 -4.86 -23.96 -21.72
N LYS A 219 -4.84 -23.92 -21.72
CA LYS A 219 -4.66 -24.15 -20.30
CA LYS A 219 -4.64 -24.17 -20.29
C LYS A 219 -3.64 -23.12 -19.81
C LYS A 219 -3.55 -23.25 -19.73
N VAL A 220 -3.88 -22.55 -18.65
CA VAL A 220 -2.94 -21.63 -18.04
C VAL A 220 -2.77 -22.02 -16.58
N ASP A 221 -1.52 -22.11 -16.12
CA ASP A 221 -1.21 -22.28 -14.71
C ASP A 221 -0.45 -21.05 -14.23
N LYS A 222 -1.01 -20.31 -13.29
CA LYS A 222 -0.42 -19.05 -12.85
C LYS A 222 -0.21 -19.05 -11.34
N ARG A 223 1.01 -18.80 -10.89
CA ARG A 223 1.32 -18.68 -9.48
C ARG A 223 0.86 -17.30 -9.05
N VAL A 224 0.21 -17.26 -7.89
CA VAL A 224 -0.27 -16.02 -7.28
C VAL A 224 0.50 -15.83 -5.97
N GLU A 225 1.26 -14.74 -5.88
CA GLU A 225 2.00 -14.50 -4.67
C GLU A 225 1.85 -13.06 -4.23
N PRO A 226 2.24 -12.76 -2.98
CA PRO A 226 2.28 -11.40 -2.44
C PRO A 226 3.09 -10.48 -3.34
N LYS A 227 2.70 -9.20 -3.42
CA LYS A 227 3.34 -8.25 -4.33
C LYS A 227 4.79 -7.91 -3.94
N SER A 228 5.46 -7.15 -4.81
CA SER A 228 6.83 -6.69 -4.56
C SER A 228 6.96 -5.20 -4.85
N PRO B 2 -40.76 4.55 -20.08
CA PRO B 2 -40.43 3.33 -20.81
C PRO B 2 -40.43 2.07 -19.95
N VAL B 3 -40.42 2.23 -18.63
CA VAL B 3 -40.54 1.13 -17.70
C VAL B 3 -41.35 1.63 -16.49
N LEU B 4 -42.52 1.03 -16.26
CA LEU B 4 -43.30 1.31 -15.05
C LEU B 4 -42.34 1.12 -13.91
N THR B 5 -42.47 1.86 -12.82
CA THR B 5 -41.47 1.75 -11.77
C THR B 5 -41.91 0.79 -10.66
N GLN B 6 -41.10 -0.24 -10.43
CA GLN B 6 -41.30 -1.18 -9.34
C GLN B 6 -40.07 -1.22 -8.46
N PRO B 7 -40.23 -1.49 -7.16
CA PRO B 7 -39.04 -1.67 -6.32
C PRO B 7 -38.26 -2.88 -6.83
N PRO B 8 -36.92 -2.83 -6.86
CA PRO B 8 -36.15 -3.94 -7.40
C PRO B 8 -36.33 -5.25 -6.60
N SER B 9 -36.56 -5.11 -5.30
CA SER B 9 -36.71 -6.27 -4.43
C SER B 9 -37.66 -6.01 -3.26
N ALA B 10 -38.10 -7.10 -2.65
CA ALA B 10 -38.96 -7.05 -1.49
C ALA B 10 -38.77 -8.34 -0.75
N SER B 11 -39.17 -8.35 0.51
CA SER B 11 -39.11 -9.59 1.28
C SER B 11 -40.12 -9.60 2.40
N GLY B 12 -40.45 -10.78 2.87
CA GLY B 12 -41.27 -10.88 4.06
C GLY B 12 -41.15 -12.30 4.56
N SER B 13 -41.58 -12.53 5.80
CA SER B 13 -41.54 -13.85 6.40
C SER B 13 -42.85 -14.54 6.10
N PRO B 14 -42.85 -15.86 6.11
CA PRO B 14 -44.09 -16.62 5.95
C PRO B 14 -45.19 -16.10 6.86
N GLY B 15 -46.36 -15.90 6.30
CA GLY B 15 -47.50 -15.43 7.07
C GLY B 15 -47.75 -13.94 6.97
N GLN B 16 -46.72 -13.19 6.58
CA GLN B 16 -46.87 -11.76 6.49
C GLN B 16 -47.58 -11.34 5.24
N ARG B 17 -48.12 -10.13 5.24
CA ARG B 17 -48.60 -9.53 4.01
C ARG B 17 -47.42 -8.77 3.40
N VAL B 18 -47.40 -8.69 2.07
N VAL B 18 -47.39 -8.69 2.08
CA VAL B 18 -46.43 -7.88 1.34
CA VAL B 18 -46.46 -7.79 1.43
C VAL B 18 -47.12 -7.20 0.17
C VAL B 18 -47.26 -7.09 0.34
N THR B 19 -46.78 -5.93 -0.06
CA THR B 19 -47.35 -5.22 -1.21
C THR B 19 -46.21 -4.79 -2.11
N ILE B 20 -46.47 -4.83 -3.40
CA ILE B 20 -45.47 -4.43 -4.41
C ILE B 20 -46.11 -3.34 -5.27
N SER B 21 -45.50 -2.16 -5.29
CA SER B 21 -46.04 -1.04 -6.07
C SER B 21 -45.54 -0.99 -7.51
N CYS B 22 -46.30 -0.30 -8.34
CA CYS B 22 -45.98 -0.18 -9.77
C CYS B 22 -46.47 1.20 -10.18
N SER B 23 -45.53 2.11 -10.47
CA SER B 23 -45.90 3.50 -10.71
C SER B 23 -45.74 3.82 -12.20
N GLY B 24 -46.76 4.47 -12.76
CA GLY B 24 -46.74 4.85 -14.17
C GLY B 24 -47.17 6.28 -14.40
N SER B 25 -48.06 6.47 -15.38
CA SER B 25 -48.48 7.80 -15.78
C SER B 25 -49.88 7.72 -16.39
N SER B 26 -50.43 8.88 -16.73
N SER B 26 -50.43 8.89 -16.72
N SER B 26 -50.42 8.89 -16.71
CA SER B 26 -51.81 8.93 -17.20
CA SER B 26 -51.79 8.99 -17.21
CA SER B 26 -51.79 8.99 -17.21
C SER B 26 -52.04 8.14 -18.47
C SER B 26 -52.03 8.15 -18.46
C SER B 26 -52.01 8.10 -18.43
N SER B 27 -51.01 8.01 -19.29
CA SER B 27 -51.16 7.31 -20.58
C SER B 27 -51.11 5.76 -20.46
N ASN B 28 -50.68 5.24 -19.32
CA ASN B 28 -50.70 3.80 -19.13
C ASN B 28 -51.63 3.44 -17.98
N ILE B 29 -51.14 3.42 -16.75
CA ILE B 29 -51.95 2.97 -15.63
C ILE B 29 -53.12 3.90 -15.43
N GLY B 30 -52.94 5.17 -15.76
CA GLY B 30 -54.04 6.11 -15.63
C GLY B 30 -55.20 5.84 -16.56
N SER B 31 -55.00 5.08 -17.63
CA SER B 31 -55.99 4.91 -18.70
C SER B 31 -56.36 3.46 -19.06
N TYR B 32 -55.53 2.52 -18.62
CA TYR B 32 -55.64 1.12 -19.05
C TYR B 32 -55.45 0.24 -17.84
N THR B 33 -55.82 -1.03 -17.98
CA THR B 33 -55.80 -1.94 -16.85
C THR B 33 -54.39 -2.42 -16.66
N VAL B 34 -54.11 -2.89 -15.47
CA VAL B 34 -52.84 -3.46 -15.14
C VAL B 34 -52.95 -4.95 -14.96
N ASN B 35 -52.00 -5.65 -15.54
CA ASN B 35 -51.83 -7.07 -15.29
C ASN B 35 -50.57 -7.32 -14.45
N TRP B 36 -50.56 -8.40 -13.68
CA TRP B 36 -49.37 -8.86 -12.98
C TRP B 36 -48.99 -10.26 -13.43
N TYR B 37 -47.68 -10.50 -13.48
CA TYR B 37 -47.09 -11.78 -13.87
C TYR B 37 -46.09 -12.22 -12.80
N GLN B 38 -46.02 -13.53 -12.61
CA GLN B 38 -45.13 -14.18 -11.65
C GLN B 38 -44.16 -15.02 -12.45
N GLN B 39 -42.87 -14.92 -12.17
CA GLN B 39 -41.88 -15.70 -12.87
C GLN B 39 -40.93 -16.43 -11.90
N LEU B 40 -40.84 -17.74 -12.04
CA LEU B 40 -39.87 -18.57 -11.32
C LEU B 40 -38.63 -18.75 -12.17
N PRO B 41 -37.49 -19.09 -11.54
CA PRO B 41 -36.21 -19.23 -12.25
C PRO B 41 -36.30 -20.20 -13.42
N GLY B 42 -35.84 -19.75 -14.58
CA GLY B 42 -35.80 -20.57 -15.79
C GLY B 42 -37.15 -21.01 -16.36
N THR B 43 -38.21 -20.29 -16.03
CA THR B 43 -39.52 -20.66 -16.52
C THR B 43 -40.20 -19.44 -17.08
N ALA B 44 -41.18 -19.65 -17.95
CA ALA B 44 -41.88 -18.53 -18.54
C ALA B 44 -42.69 -17.83 -17.48
N PRO B 45 -42.96 -16.55 -17.65
CA PRO B 45 -43.90 -15.88 -16.78
C PRO B 45 -45.29 -16.48 -16.86
N LYS B 46 -46.00 -16.35 -15.74
CA LYS B 46 -47.39 -16.79 -15.58
C LYS B 46 -48.29 -15.59 -15.27
N LEU B 47 -49.44 -15.52 -15.93
CA LEU B 47 -50.40 -14.48 -15.59
C LEU B 47 -50.94 -14.71 -14.18
N LEU B 48 -50.86 -13.67 -13.35
CA LEU B 48 -51.24 -13.74 -11.96
C LEU B 48 -52.54 -12.98 -11.68
N ILE B 49 -52.64 -11.76 -12.23
CA ILE B 49 -53.75 -10.87 -12.04
C ILE B 49 -54.03 -10.20 -13.37
N TYR B 50 -55.29 -10.16 -13.78
CA TYR B 50 -55.68 -9.43 -14.99
C TYR B 50 -56.81 -8.48 -14.70
N SER B 51 -56.98 -7.49 -15.57
CA SER B 51 -58.04 -6.50 -15.41
C SER B 51 -58.02 -5.94 -13.99
N LEU B 52 -56.80 -5.62 -13.54
CA LEU B 52 -56.57 -4.97 -12.26
C LEU B 52 -56.72 -5.88 -11.01
N ASN B 53 -57.80 -6.67 -10.94
CA ASN B 53 -58.14 -7.41 -9.72
C ASN B 53 -58.65 -8.86 -9.87
N GLN B 54 -58.56 -9.43 -11.06
CA GLN B 54 -59.06 -10.77 -11.32
C GLN B 54 -57.95 -11.81 -11.38
N ARG B 55 -58.23 -13.01 -10.90
CA ARG B 55 -57.28 -14.09 -10.87
C ARG B 55 -57.69 -15.17 -11.83
N PRO B 56 -56.75 -15.64 -12.64
CA PRO B 56 -57.00 -16.86 -13.42
C PRO B 56 -57.15 -18.06 -12.50
N SER B 57 -57.82 -19.11 -12.97
CA SER B 57 -57.87 -20.33 -12.18
C SER B 57 -56.42 -20.79 -11.96
N GLY B 58 -56.16 -21.39 -10.80
CA GLY B 58 -54.82 -21.87 -10.48
C GLY B 58 -53.96 -20.82 -9.79
N VAL B 59 -54.52 -19.64 -9.55
CA VAL B 59 -53.83 -18.63 -8.80
C VAL B 59 -54.47 -18.47 -7.44
N PRO B 60 -53.68 -18.59 -6.37
CA PRO B 60 -54.24 -18.56 -5.02
C PRO B 60 -54.93 -17.25 -4.70
N ASP B 61 -55.96 -17.30 -3.89
CA ASP B 61 -56.70 -16.10 -3.65
C ASP B 61 -55.99 -15.16 -2.70
N ARG B 62 -54.79 -15.51 -2.23
CA ARG B 62 -54.03 -14.56 -1.43
C ARG B 62 -53.36 -13.49 -2.30
N PHE B 63 -53.45 -13.59 -3.63
CA PHE B 63 -52.90 -12.55 -4.50
C PHE B 63 -54.04 -11.59 -4.85
N SER B 64 -53.85 -10.28 -4.73
CA SER B 64 -54.87 -9.33 -5.19
C SER B 64 -54.22 -8.08 -5.77
N GLY B 65 -54.96 -7.41 -6.63
CA GLY B 65 -54.51 -6.20 -7.29
C GLY B 65 -55.41 -5.02 -6.99
N SER B 66 -54.79 -3.86 -6.97
CA SER B 66 -55.51 -2.61 -6.85
C SER B 66 -54.80 -1.51 -7.65
N LYS B 67 -55.46 -0.37 -7.77
CA LYS B 67 -54.98 0.74 -8.57
C LYS B 67 -55.53 2.03 -7.96
N SER B 68 -54.72 3.07 -7.95
CA SER B 68 -55.17 4.39 -7.53
C SER B 68 -54.38 5.42 -8.33
N GLY B 69 -55.08 6.23 -9.11
CA GLY B 69 -54.43 7.18 -9.97
C GLY B 69 -53.48 6.49 -10.93
N THR B 70 -52.21 6.89 -10.90
CA THR B 70 -51.24 6.36 -11.85
C THR B 70 -50.36 5.28 -11.23
N SER B 71 -50.74 4.79 -10.06
CA SER B 71 -50.03 3.69 -9.41
C SER B 71 -50.92 2.47 -9.24
N ALA B 72 -50.28 1.32 -9.28
CA ALA B 72 -50.99 0.07 -9.09
C ALA B 72 -50.23 -0.72 -8.03
N SER B 73 -50.88 -1.68 -7.39
N SER B 73 -50.87 -1.69 -7.40
N SER B 73 -50.90 -1.68 -7.41
CA SER B 73 -50.25 -2.45 -6.31
CA SER B 73 -50.18 -2.49 -6.40
CA SER B 73 -50.26 -2.50 -6.40
C SER B 73 -50.70 -3.91 -6.25
C SER B 73 -50.67 -3.93 -6.39
C SER B 73 -50.65 -3.96 -6.52
N LEU B 74 -49.74 -4.82 -6.08
CA LEU B 74 -50.01 -6.24 -5.90
C LEU B 74 -49.84 -6.54 -4.42
N ALA B 75 -50.85 -7.15 -3.82
CA ALA B 75 -50.81 -7.53 -2.41
C ALA B 75 -50.84 -9.05 -2.34
N ILE B 76 -49.99 -9.59 -1.48
CA ILE B 76 -49.94 -11.02 -1.20
C ILE B 76 -50.22 -11.14 0.28
N SER B 77 -51.37 -11.69 0.62
CA SER B 77 -51.71 -11.98 2.01
C SER B 77 -50.97 -13.28 2.36
N GLY B 78 -50.55 -13.41 3.60
CA GLY B 78 -50.14 -14.71 4.11
C GLY B 78 -49.10 -15.36 3.22
N LEU B 79 -47.90 -14.79 3.17
CA LEU B 79 -46.84 -15.31 2.31
C LEU B 79 -46.58 -16.77 2.61
N GLN B 80 -46.36 -17.52 1.52
CA GLN B 80 -45.92 -18.92 1.61
C GLN B 80 -44.62 -19.02 0.79
N SER B 81 -43.79 -20.02 1.14
CA SER B 81 -42.49 -20.15 0.51
C SER B 81 -42.54 -20.12 -1.03
N GLU B 82 -43.58 -20.71 -1.60
CA GLU B 82 -43.70 -20.80 -3.06
C GLU B 82 -44.03 -19.50 -3.73
N ASP B 83 -44.22 -18.46 -2.93
CA ASP B 83 -44.43 -17.12 -3.51
C ASP B 83 -43.12 -16.41 -3.85
N GLU B 84 -41.99 -17.00 -3.46
CA GLU B 84 -40.71 -16.47 -3.85
C GLU B 84 -40.55 -16.55 -5.37
N ALA B 85 -40.39 -15.39 -5.98
CA ALA B 85 -40.47 -15.25 -7.44
C ALA B 85 -40.19 -13.82 -7.80
N VAL B 86 -40.11 -13.54 -9.10
CA VAL B 86 -40.07 -12.18 -9.59
C VAL B 86 -41.46 -11.83 -10.11
N TYR B 87 -41.93 -10.66 -9.73
CA TYR B 87 -43.24 -10.14 -10.10
C TYR B 87 -43.11 -8.95 -11.02
N TYR B 88 -43.88 -8.98 -12.12
CA TYR B 88 -43.89 -7.87 -13.08
C TYR B 88 -45.28 -7.32 -13.25
N CYS B 89 -45.40 -6.02 -13.32
CA CYS B 89 -46.67 -5.38 -13.71
C CYS B 89 -46.58 -5.03 -15.19
N ALA B 90 -47.70 -4.90 -15.87
CA ALA B 90 -47.67 -4.42 -17.27
C ALA B 90 -48.96 -3.70 -17.56
N ALA B 91 -48.91 -2.77 -18.51
CA ALA B 91 -50.11 -2.04 -18.92
C ALA B 91 -49.90 -1.58 -20.37
N TRP B 92 -50.96 -1.43 -21.14
CA TRP B 92 -50.92 -0.73 -22.42
C TRP B 92 -50.64 0.75 -22.13
N ASP B 93 -49.88 1.35 -23.03
CA ASP B 93 -49.56 2.78 -22.99
C ASP B 93 -49.91 3.38 -24.35
N ASP B 94 -50.79 4.38 -24.36
CA ASP B 94 -51.25 4.96 -25.61
C ASP B 94 -50.50 6.23 -26.02
N SER B 95 -49.30 6.45 -25.50
CA SER B 95 -48.49 7.58 -25.94
C SER B 95 -48.23 7.47 -27.42
N LEU B 96 -47.49 8.44 -27.92
CA LEU B 96 -46.92 8.36 -29.22
C LEU B 96 -45.93 7.25 -29.13
N SER B 97 -46.22 6.28 -29.97
CA SER B 97 -45.54 5.02 -29.97
C SER B 97 -46.16 4.22 -28.85
N ALA B 98 -47.40 3.81 -29.14
CA ALA B 98 -48.21 2.99 -28.27
C ALA B 98 -47.54 1.61 -28.13
N HIS B 99 -47.60 1.04 -26.93
CA HIS B 99 -46.87 -0.18 -26.67
C HIS B 99 -47.31 -0.74 -25.33
N VAL B 100 -47.04 -2.02 -25.14
CA VAL B 100 -47.17 -2.60 -23.81
C VAL B 100 -45.91 -2.21 -23.03
N VAL B 101 -46.12 -1.65 -21.84
N VAL B 101 -46.11 -1.70 -21.82
CA VAL B 101 -45.05 -1.33 -20.91
CA VAL B 101 -45.00 -1.33 -20.95
C VAL B 101 -45.01 -2.39 -19.81
C VAL B 101 -44.97 -2.19 -19.69
N PHE B 102 -43.83 -2.86 -19.47
CA PHE B 102 -43.60 -3.67 -18.28
C PHE B 102 -42.90 -2.85 -17.22
N GLY B 103 -43.17 -3.14 -15.95
CA GLY B 103 -42.31 -2.75 -14.88
C GLY B 103 -41.03 -3.52 -14.90
N GLY B 104 -40.09 -3.06 -14.09
CA GLY B 104 -38.75 -3.65 -14.13
C GLY B 104 -38.62 -4.93 -13.37
N GLY B 105 -39.65 -5.31 -12.64
CA GLY B 105 -39.63 -6.55 -11.90
C GLY B 105 -39.24 -6.33 -10.46
N THR B 106 -39.86 -7.08 -9.58
CA THR B 106 -39.54 -7.06 -8.16
C THR B 106 -39.23 -8.50 -7.75
N LYS B 107 -38.00 -8.73 -7.29
CA LYS B 107 -37.62 -10.02 -6.72
C LYS B 107 -38.10 -10.08 -5.29
N LEU B 108 -39.06 -10.95 -5.03
CA LEU B 108 -39.59 -11.17 -3.71
C LEU B 108 -38.95 -12.41 -3.10
N THR B 109 -38.31 -12.21 -1.96
CA THR B 109 -37.77 -13.29 -1.18
C THR B 109 -38.71 -13.57 -0.01
N VAL B 110 -39.07 -14.84 0.18
CA VAL B 110 -39.78 -15.28 1.38
C VAL B 110 -38.74 -15.82 2.32
N LEU B 111 -38.53 -15.10 3.41
CA LEU B 111 -37.38 -15.31 4.27
C LEU B 111 -37.42 -16.69 4.88
N GLY B 112 -36.36 -17.44 4.65
CA GLY B 112 -36.27 -18.80 5.15
C GLY B 112 -34.98 -19.10 5.88
N GLN B 113 -34.16 -18.09 6.06
CA GLN B 113 -32.95 -18.21 6.85
C GLN B 113 -32.63 -16.80 7.28
N PRO B 114 -31.70 -16.64 8.22
CA PRO B 114 -31.37 -15.31 8.73
C PRO B 114 -30.75 -14.39 7.67
N LYS B 115 -31.02 -13.09 7.81
CA LYS B 115 -30.36 -12.09 6.99
C LYS B 115 -28.84 -12.25 7.12
N ALA B 116 -28.17 -12.08 5.99
CA ALA B 116 -26.73 -12.23 5.92
C ALA B 116 -26.15 -11.11 5.07
N ALA B 117 -25.30 -10.32 5.69
CA ALA B 117 -24.65 -9.24 4.99
C ALA B 117 -23.54 -9.76 4.10
N PRO B 118 -23.32 -9.07 2.99
CA PRO B 118 -22.30 -9.51 2.06
C PRO B 118 -20.88 -9.34 2.58
N SER B 119 -20.02 -10.29 2.24
N SER B 119 -20.04 -10.31 2.24
N SER B 119 -20.05 -10.32 2.25
CA SER B 119 -18.59 -10.15 2.45
CA SER B 119 -18.61 -10.18 2.38
CA SER B 119 -18.61 -10.19 2.40
C SER B 119 -17.96 -9.69 1.13
C SER B 119 -18.09 -9.60 1.07
C SER B 119 -18.16 -9.56 1.09
N VAL B 120 -17.31 -8.54 1.17
CA VAL B 120 -16.83 -7.87 -0.02
C VAL B 120 -15.31 -7.86 -0.04
N THR B 121 -14.74 -8.26 -1.16
CA THR B 121 -13.30 -8.17 -1.35
C THR B 121 -13.06 -7.35 -2.62
N LEU B 122 -12.20 -6.36 -2.52
CA LEU B 122 -11.90 -5.52 -3.67
C LEU B 122 -10.41 -5.64 -4.00
N PHE B 123 -10.11 -6.05 -5.23
CA PHE B 123 -8.71 -6.12 -5.67
C PHE B 123 -8.42 -5.00 -6.63
N PRO B 124 -7.23 -4.37 -6.52
CA PRO B 124 -6.78 -3.38 -7.49
C PRO B 124 -6.26 -4.08 -8.73
N PRO B 125 -5.94 -3.32 -9.76
CA PRO B 125 -5.33 -3.86 -10.98
C PRO B 125 -3.98 -4.46 -10.67
N SER B 126 -3.66 -5.61 -11.26
CA SER B 126 -2.34 -6.18 -11.08
C SER B 126 -1.26 -5.45 -11.88
N SER B 127 0.00 -5.58 -11.46
CA SER B 127 1.06 -4.92 -12.22
C SER B 127 1.16 -5.51 -13.62
N GLU B 128 0.83 -6.79 -13.76
CA GLU B 128 0.88 -7.41 -15.08
C GLU B 128 -0.16 -6.77 -16.01
N GLU B 129 -1.37 -6.55 -15.51
CA GLU B 129 -2.39 -5.94 -16.35
C GLU B 129 -2.04 -4.48 -16.72
N LEU B 130 -1.51 -3.74 -15.76
CA LEU B 130 -1.15 -2.33 -16.01
C LEU B 130 -0.11 -2.25 -17.11
N GLN B 131 0.75 -3.25 -17.20
CA GLN B 131 1.75 -3.27 -18.26
C GLN B 131 1.18 -3.67 -19.62
N ALA B 132 -0.01 -4.24 -19.61
CA ALA B 132 -0.74 -4.49 -20.84
C ALA B 132 -1.57 -3.25 -21.19
N ASN B 133 -1.32 -2.14 -20.50
CA ASN B 133 -2.07 -0.91 -20.72
C ASN B 133 -3.58 -1.05 -20.43
N LYS B 134 -3.90 -1.85 -19.43
CA LYS B 134 -5.29 -2.02 -18.99
C LYS B 134 -5.36 -1.97 -17.48
N ALA B 135 -6.54 -1.77 -16.92
CA ALA B 135 -6.68 -1.70 -15.48
C ALA B 135 -8.10 -2.13 -15.11
N THR B 136 -8.23 -3.21 -14.34
CA THR B 136 -9.54 -3.71 -13.90
C THR B 136 -9.57 -3.80 -12.40
N LEU B 137 -10.56 -3.17 -11.79
N LEU B 137 -10.54 -3.15 -11.79
CA LEU B 137 -10.82 -3.32 -10.36
CA LEU B 137 -10.80 -3.34 -10.37
C LEU B 137 -11.91 -4.37 -10.15
C LEU B 137 -11.82 -4.44 -10.25
N VAL B 138 -11.65 -5.31 -9.26
CA VAL B 138 -12.52 -6.48 -9.12
C VAL B 138 -13.15 -6.45 -7.75
N CYS B 139 -14.48 -6.36 -7.71
CA CYS B 139 -15.23 -6.32 -6.45
C CYS B 139 -16.06 -7.61 -6.32
N LEU B 140 -15.72 -8.45 -5.36
CA LEU B 140 -16.33 -9.76 -5.23
C LEU B 140 -17.21 -9.72 -4.01
N ILE B 141 -18.44 -10.17 -4.18
CA ILE B 141 -19.50 -9.96 -3.21
C ILE B 141 -20.16 -11.34 -2.94
N SER B 142 -20.06 -11.81 -1.72
CA SER B 142 -20.54 -13.16 -1.45
C SER B 142 -21.29 -13.29 -0.16
N ASP B 143 -21.96 -14.43 -0.05
CA ASP B 143 -22.56 -14.87 1.20
C ASP B 143 -23.66 -13.92 1.69
N PHE B 144 -24.43 -13.33 0.76
CA PHE B 144 -25.51 -12.46 1.18
C PHE B 144 -26.89 -13.08 0.98
N TYR B 145 -27.78 -12.65 1.86
CA TYR B 145 -29.17 -13.08 1.85
C TYR B 145 -30.03 -12.03 2.54
N PRO B 146 -31.16 -11.65 1.93
CA PRO B 146 -31.63 -12.04 0.59
C PRO B 146 -30.69 -11.70 -0.55
N GLY B 147 -30.97 -12.27 -1.72
CA GLY B 147 -30.11 -12.12 -2.91
C GLY B 147 -30.33 -10.88 -3.73
N ALA B 148 -30.21 -9.72 -3.10
CA ALA B 148 -30.36 -8.45 -3.84
C ALA B 148 -29.36 -7.43 -3.30
N VAL B 149 -28.55 -6.86 -4.19
CA VAL B 149 -27.60 -5.82 -3.80
C VAL B 149 -27.57 -4.76 -4.87
N THR B 150 -27.13 -3.57 -4.51
CA THR B 150 -26.79 -2.59 -5.53
C THR B 150 -25.33 -2.25 -5.29
N VAL B 151 -24.63 -1.93 -6.36
CA VAL B 151 -23.22 -1.66 -6.28
C VAL B 151 -23.00 -0.28 -6.84
N ALA B 152 -22.19 0.50 -6.13
CA ALA B 152 -21.84 1.83 -6.60
C ALA B 152 -20.34 1.99 -6.48
N TRP B 153 -19.73 2.52 -7.52
CA TRP B 153 -18.30 2.76 -7.51
C TRP B 153 -17.97 4.23 -7.36
N LYS B 154 -16.84 4.54 -6.71
CA LYS B 154 -16.37 5.91 -6.54
C LYS B 154 -14.91 6.04 -6.94
N ALA B 155 -14.56 7.15 -7.59
CA ALA B 155 -13.18 7.57 -7.80
C ALA B 155 -12.98 8.70 -6.82
N ASP B 156 -12.10 8.50 -5.85
CA ASP B 156 -12.05 9.36 -4.68
C ASP B 156 -13.46 9.35 -4.07
N SER B 157 -14.18 10.47 -4.14
CA SER B 157 -15.53 10.53 -3.57
C SER B 157 -16.63 10.65 -4.62
N SER B 158 -16.25 10.66 -5.90
CA SER B 158 -17.20 10.91 -6.97
C SER B 158 -17.72 9.63 -7.61
N PRO B 159 -19.04 9.58 -7.90
CA PRO B 159 -19.61 8.43 -8.60
C PRO B 159 -18.98 8.16 -9.96
N VAL B 160 -18.71 6.89 -10.23
CA VAL B 160 -18.26 6.43 -11.54
C VAL B 160 -19.26 5.43 -12.09
N LYS B 161 -19.80 5.69 -13.28
CA LYS B 161 -20.72 4.74 -13.94
C LYS B 161 -20.15 4.08 -15.20
N ALA B 162 -19.32 4.84 -15.92
CA ALA B 162 -18.70 4.33 -17.13
C ALA B 162 -17.77 3.20 -16.78
N GLY B 163 -17.77 2.17 -17.61
CA GLY B 163 -16.86 1.05 -17.45
C GLY B 163 -17.18 0.06 -16.35
N VAL B 164 -18.42 0.11 -15.83
CA VAL B 164 -18.86 -0.83 -14.79
C VAL B 164 -19.66 -1.98 -15.39
N GLU B 165 -19.32 -3.19 -14.98
CA GLU B 165 -20.09 -4.36 -15.40
C GLU B 165 -20.28 -5.18 -14.16
N THR B 166 -21.54 -5.46 -13.83
CA THR B 166 -21.92 -6.15 -12.61
C THR B 166 -22.79 -7.34 -12.96
N THR B 167 -22.55 -8.49 -12.34
CA THR B 167 -23.36 -9.67 -12.59
C THR B 167 -24.64 -9.60 -11.77
N THR B 168 -25.62 -10.36 -12.20
CA THR B 168 -26.85 -10.52 -11.44
C THR B 168 -26.56 -11.53 -10.34
N PRO B 169 -27.04 -11.28 -9.12
CA PRO B 169 -26.74 -12.24 -8.05
C PRO B 169 -27.20 -13.64 -8.38
N SER B 170 -26.39 -14.62 -8.01
CA SER B 170 -26.68 -16.02 -8.27
C SER B 170 -26.58 -16.78 -6.96
N LYS B 171 -27.40 -17.82 -6.81
CA LYS B 171 -27.34 -18.61 -5.61
C LYS B 171 -26.05 -19.38 -5.49
N GLN B 172 -25.47 -19.37 -4.30
CA GLN B 172 -24.37 -20.28 -3.97
C GLN B 172 -24.93 -21.63 -3.52
N SER B 173 -24.05 -22.58 -3.26
CA SER B 173 -24.49 -23.91 -2.83
C SER B 173 -25.14 -23.85 -1.44
N ASN B 174 -24.76 -22.85 -0.65
CA ASN B 174 -25.31 -22.73 0.70
C ASN B 174 -26.58 -21.89 0.75
N ASN B 175 -27.12 -21.54 -0.43
CA ASN B 175 -28.39 -20.83 -0.57
C ASN B 175 -28.33 -19.34 -0.27
N LYS B 176 -27.15 -18.87 0.07
CA LYS B 176 -26.85 -17.45 0.01
C LYS B 176 -26.42 -17.10 -1.41
N TYR B 177 -26.11 -15.84 -1.65
CA TYR B 177 -25.91 -15.38 -3.01
C TYR B 177 -24.54 -14.72 -3.17
N ALA B 178 -24.09 -14.71 -4.42
CA ALA B 178 -22.83 -14.09 -4.83
C ALA B 178 -23.05 -13.18 -6.03
N ALA B 179 -22.19 -12.16 -6.16
CA ALA B 179 -22.15 -11.33 -7.36
C ALA B 179 -20.78 -10.74 -7.46
N SER B 180 -20.51 -10.15 -8.62
CA SER B 180 -19.24 -9.48 -8.81
C SER B 180 -19.43 -8.29 -9.73
N SER B 181 -18.56 -7.30 -9.52
CA SER B 181 -18.62 -6.05 -10.26
C SER B 181 -17.18 -5.69 -10.67
N TYR B 182 -17.06 -5.23 -11.90
CA TYR B 182 -15.76 -4.95 -12.47
C TYR B 182 -15.78 -3.51 -12.96
N LEU B 183 -14.77 -2.76 -12.55
CA LEU B 183 -14.57 -1.40 -13.05
C LEU B 183 -13.35 -1.36 -13.95
N SER B 184 -13.57 -1.00 -15.21
CA SER B 184 -12.48 -0.86 -16.18
C SER B 184 -12.04 0.59 -16.22
N LEU B 185 -10.74 0.77 -16.06
CA LEU B 185 -10.11 2.08 -16.16
C LEU B 185 -8.92 2.06 -17.13
N THR B 186 -8.46 3.23 -17.53
CA THR B 186 -7.13 3.28 -18.09
C THR B 186 -6.12 3.31 -16.97
N PRO B 187 -4.89 2.90 -17.22
CA PRO B 187 -3.81 3.03 -16.24
C PRO B 187 -3.69 4.45 -15.74
N GLU B 188 -3.86 5.40 -16.66
CA GLU B 188 -3.77 6.81 -16.31
C GLU B 188 -4.84 7.22 -15.31
N GLN B 189 -6.08 6.76 -15.55
CA GLN B 189 -7.19 7.06 -14.66
C GLN B 189 -6.90 6.49 -13.28
N TRP B 190 -6.43 5.25 -13.27
CA TRP B 190 -6.14 4.57 -12.02
C TRP B 190 -5.10 5.33 -11.20
N LYS B 191 -4.02 5.79 -11.83
CA LYS B 191 -2.98 6.48 -11.09
C LYS B 191 -3.30 7.96 -10.78
N SER B 192 -4.25 8.54 -11.51
CA SER B 192 -4.58 9.96 -11.36
C SER B 192 -5.53 10.24 -10.18
N HIS B 193 -6.04 9.18 -9.55
CA HIS B 193 -6.87 9.34 -8.37
C HIS B 193 -6.16 8.79 -7.13
N ARG B 194 -6.57 9.26 -5.96
CA ARG B 194 -5.99 8.80 -4.70
C ARG B 194 -6.53 7.43 -4.32
N SER B 195 -7.79 7.15 -4.66
CA SER B 195 -8.35 5.83 -4.38
C SER B 195 -9.61 5.59 -5.20
N TYR B 196 -10.05 4.33 -5.22
CA TYR B 196 -11.34 3.95 -5.76
C TYR B 196 -12.02 3.09 -4.74
N SER B 197 -13.35 3.15 -4.72
CA SER B 197 -14.13 2.35 -3.78
C SER B 197 -15.26 1.60 -4.46
N CYS B 198 -15.57 0.43 -3.94
CA CYS B 198 -16.74 -0.32 -4.35
C CYS B 198 -17.65 -0.36 -3.12
N GLN B 199 -18.86 0.18 -3.21
N GLN B 199 -18.87 0.15 -3.26
CA GLN B 199 -19.78 0.18 -2.06
CA GLN B 199 -19.83 0.19 -2.18
C GLN B 199 -21.04 -0.61 -2.38
C GLN B 199 -20.96 -0.76 -2.53
N VAL B 200 -21.25 -1.66 -1.60
CA VAL B 200 -22.34 -2.59 -1.80
C VAL B 200 -23.41 -2.32 -0.79
N THR B 201 -24.62 -2.08 -1.28
CA THR B 201 -25.75 -1.84 -0.40
C THR B 201 -26.65 -3.07 -0.38
N HIS B 202 -26.99 -3.50 0.83
CA HIS B 202 -27.76 -4.73 1.03
C HIS B 202 -28.73 -4.49 2.18
N GLU B 203 -30.03 -4.63 1.91
CA GLU B 203 -31.06 -4.43 2.90
C GLU B 203 -30.83 -3.15 3.71
N GLY B 204 -30.44 -2.08 3.02
CA GLY B 204 -30.29 -0.77 3.63
C GLY B 204 -28.95 -0.51 4.30
N SER B 205 -28.06 -1.50 4.33
CA SER B 205 -26.74 -1.34 4.95
C SER B 205 -25.66 -1.37 3.89
N THR B 206 -24.63 -0.55 4.05
CA THR B 206 -23.57 -0.46 3.05
C THR B 206 -22.24 -1.04 3.53
N VAL B 207 -21.57 -1.76 2.63
CA VAL B 207 -20.25 -2.31 2.88
C VAL B 207 -19.36 -1.71 1.81
N GLU B 208 -18.35 -0.96 2.24
CA GLU B 208 -17.46 -0.33 1.28
C GLU B 208 -16.05 -0.82 1.46
N LYS B 209 -15.37 -1.05 0.35
CA LYS B 209 -13.96 -1.38 0.37
C LYS B 209 -13.27 -0.40 -0.57
N THR B 210 -12.01 -0.11 -0.27
CA THR B 210 -11.27 0.93 -0.98
C THR B 210 -9.89 0.40 -1.34
N VAL B 211 -9.41 0.74 -2.54
CA VAL B 211 -8.03 0.40 -2.92
C VAL B 211 -7.36 1.64 -3.47
N ALA B 212 -6.02 1.66 -3.46
CA ALA B 212 -5.27 2.82 -3.95
C ALA B 212 -4.05 2.37 -4.73
N PRO B 213 -3.57 3.21 -5.67
CA PRO B 213 -2.40 2.88 -6.50
C PRO B 213 -1.15 2.67 -5.67
N THR B 214 -0.24 1.84 -6.15
CA THR B 214 1.00 1.51 -5.44
C THR B 214 2.11 2.50 -5.81
N VAL C 2 56.97 10.23 29.59
CA VAL C 2 56.13 11.36 29.20
C VAL C 2 54.67 10.92 29.33
N GLN C 3 53.86 11.75 29.96
CA GLN C 3 52.47 11.39 30.15
C GLN C 3 51.59 12.59 30.52
N LEU C 4 50.39 12.60 29.94
CA LEU C 4 49.32 13.48 30.39
C LEU C 4 48.13 12.63 30.82
N VAL C 5 47.50 13.00 31.94
CA VAL C 5 46.35 12.27 32.45
C VAL C 5 45.23 13.20 32.89
N GLN C 6 44.11 13.15 32.20
CA GLN C 6 42.97 13.98 32.53
C GLN C 6 42.08 13.30 33.57
N SER C 7 41.46 14.12 34.39
CA SER C 7 40.53 13.61 35.38
C SER C 7 39.42 14.63 35.61
N GLY C 8 38.38 14.22 36.34
CA GLY C 8 37.30 15.12 36.70
C GLY C 8 36.01 14.96 35.91
N GLY C 9 36.01 14.07 34.94
CA GLY C 9 34.84 13.92 34.08
C GLY C 9 33.73 13.23 34.84
N GLY C 10 32.52 13.26 34.31
CA GLY C 10 31.37 12.60 34.93
C GLY C 10 30.06 13.16 34.42
N VAL C 11 28.95 12.80 35.07
CA VAL C 11 27.66 13.29 34.62
C VAL C 11 27.27 14.55 35.37
N VAL C 12 26.66 15.50 34.67
CA VAL C 12 26.25 16.76 35.27
C VAL C 12 25.08 17.36 34.53
N GLN C 13 24.31 18.19 35.22
CA GLN C 13 23.10 18.76 34.64
C GLN C 13 23.44 20.09 33.98
N PRO C 14 22.68 20.46 32.94
CA PRO C 14 22.87 21.74 32.25
C PRO C 14 22.81 22.94 33.20
N ARG C 15 23.52 24.01 32.84
CA ARG C 15 23.61 25.23 33.65
C ARG C 15 24.55 25.07 34.86
N ARG C 16 24.93 23.84 35.20
CA ARG C 16 25.86 23.59 36.30
C ARG C 16 27.33 23.76 35.84
N SER C 17 28.27 23.58 36.76
CA SER C 17 29.70 23.70 36.44
C SER C 17 30.46 22.40 36.77
N LEU C 18 31.60 22.19 36.12
CA LEU C 18 32.49 21.09 36.42
C LEU C 18 33.94 21.48 36.18
N ARG C 19 34.87 20.90 36.91
N ARG C 19 34.88 20.99 36.98
CA ARG C 19 36.28 21.26 36.81
CA ARG C 19 36.29 21.29 36.74
C ARG C 19 37.18 20.08 36.43
C ARG C 19 37.05 20.05 36.33
N LEU C 20 37.82 20.17 35.26
CA LEU C 20 38.69 19.10 34.80
C LEU C 20 40.12 19.43 35.13
N SER C 21 40.93 18.41 35.33
CA SER C 21 42.34 18.58 35.59
C SER C 21 43.17 17.68 34.66
N CYS C 22 44.41 18.09 34.40
CA CYS C 22 45.28 17.31 33.58
C CYS C 22 46.67 17.34 34.18
N ALA C 23 47.16 16.18 34.60
CA ALA C 23 48.46 16.06 35.26
C ALA C 23 49.52 15.69 34.26
N ALA C 24 50.61 16.44 34.25
CA ALA C 24 51.69 16.21 33.31
C ALA C 24 52.92 15.65 33.99
N SER C 25 53.60 14.73 33.32
CA SER C 25 54.88 14.24 33.82
C SER C 25 55.83 13.93 32.67
N GLY C 26 57.12 14.00 32.97
CA GLY C 26 58.14 13.57 32.03
C GLY C 26 58.66 14.59 31.05
N PHE C 27 58.19 15.83 31.14
CA PHE C 27 58.72 16.91 30.34
C PHE C 27 58.58 18.20 31.13
N THR C 28 59.23 19.27 30.67
CA THR C 28 59.22 20.55 31.39
C THR C 28 57.93 21.29 31.04
N PHE C 29 56.91 20.97 31.83
CA PHE C 29 55.56 21.50 31.69
C PHE C 29 55.53 23.02 31.57
N SER C 30 56.26 23.71 32.44
CA SER C 30 56.23 25.17 32.52
C SER C 30 56.84 25.81 31.29
N SER C 31 57.43 25.04 30.39
CA SER C 31 58.00 25.60 29.17
C SER C 31 57.09 25.57 27.95
N TYR C 32 55.91 24.97 28.08
CA TYR C 32 55.02 24.73 26.96
C TYR C 32 53.62 25.26 27.20
N ALA C 33 53.03 25.81 26.13
CA ALA C 33 51.62 26.07 26.07
C ALA C 33 50.91 24.71 26.14
N MET C 34 49.64 24.75 26.52
CA MET C 34 48.83 23.54 26.66
C MET C 34 47.46 23.80 26.03
N HIS C 35 46.92 22.78 25.39
CA HIS C 35 45.60 22.89 24.77
C HIS C 35 44.58 21.95 25.42
N TRP C 36 43.33 22.37 25.36
CA TRP C 36 42.20 21.44 25.55
C TRP C 36 41.53 21.25 24.18
N VAL C 37 41.16 20.00 23.88
CA VAL C 37 40.47 19.63 22.66
C VAL C 37 39.39 18.64 23.08
N ARG C 38 38.20 18.72 22.49
CA ARG C 38 37.13 17.79 22.85
C ARG C 38 36.56 17.10 21.64
N GLN C 39 35.88 16.00 21.92
CA GLN C 39 35.30 15.16 20.86
C GLN C 39 34.01 14.55 21.32
N ALA C 40 32.93 14.93 20.66
CA ALA C 40 31.64 14.35 20.99
C ALA C 40 31.58 12.95 20.44
N PRO C 41 30.90 12.04 21.15
CA PRO C 41 30.82 10.68 20.64
C PRO C 41 30.42 10.57 19.16
N GLY C 42 31.24 9.87 18.39
CA GLY C 42 31.00 9.68 16.96
C GLY C 42 31.23 10.90 16.10
N LYS C 43 31.75 11.97 16.69
CA LYS C 43 31.97 13.22 15.96
C LYS C 43 33.45 13.60 15.88
N GLY C 44 33.73 14.78 15.32
CA GLY C 44 35.09 15.24 15.08
C GLY C 44 35.74 15.93 16.25
N LEU C 45 37.01 16.28 16.09
CA LEU C 45 37.74 17.03 17.10
C LEU C 45 37.32 18.49 17.03
N GLU C 46 37.20 19.08 18.21
CA GLU C 46 36.86 20.49 18.34
C GLU C 46 37.82 21.08 19.37
N TRP C 47 38.58 22.10 18.95
CA TRP C 47 39.48 22.75 19.87
C TRP C 47 38.71 23.58 20.87
N VAL C 48 39.20 23.61 22.10
CA VAL C 48 38.53 24.32 23.19
C VAL C 48 39.31 25.57 23.64
N ALA C 49 40.58 25.41 23.92
CA ALA C 49 41.37 26.53 24.44
C ALA C 49 42.87 26.20 24.43
N VAL C 50 43.65 27.28 24.52
CA VAL C 50 45.07 27.17 24.74
C VAL C 50 45.49 28.13 25.84
N ILE C 51 46.47 27.72 26.64
CA ILE C 51 47.03 28.61 27.65
C ILE C 51 48.56 28.60 27.48
N SER C 52 49.15 29.79 27.55
CA SER C 52 50.58 29.94 27.38
C SER C 52 51.39 29.35 28.52
N TYR C 53 52.67 29.16 28.28
CA TYR C 53 53.59 28.55 29.24
C TYR C 53 53.47 29.08 30.66
N ASP C 54 53.40 30.39 30.83
CA ASP C 54 53.33 31.01 32.17
C ASP C 54 51.89 31.35 32.61
N GLY C 55 50.90 30.90 31.83
CA GLY C 55 49.51 31.13 32.19
C GLY C 55 49.01 32.55 31.94
N ARG C 56 49.84 33.43 31.37
CA ARG C 56 49.43 34.83 31.28
C ARG C 56 48.52 35.15 30.08
N ASN C 57 48.53 34.30 29.07
CA ASN C 57 47.73 34.46 27.88
C ASN C 57 46.92 33.22 27.58
N LYS C 58 45.65 33.44 27.27
CA LYS C 58 44.66 32.37 27.11
C LYS C 58 43.78 32.70 25.93
N TYR C 59 43.47 31.70 25.09
CA TYR C 59 42.53 31.89 23.99
C TYR C 59 41.55 30.73 23.93
N TYR C 60 40.32 31.05 23.57
CA TYR C 60 39.21 30.11 23.64
C TYR C 60 38.49 29.98 22.31
N ALA C 61 37.86 28.83 22.06
CA ALA C 61 36.92 28.71 20.95
C ALA C 61 35.67 29.55 21.26
N ASP C 62 35.03 30.08 20.22
CA ASP C 62 33.84 30.89 20.41
C ASP C 62 32.75 30.04 21.09
N SER C 63 32.74 28.74 20.83
CA SER C 63 31.71 27.83 21.33
C SER C 63 31.72 27.77 22.85
N VAL C 64 32.85 28.14 23.48
CA VAL C 64 32.94 28.14 24.94
C VAL C 64 33.30 29.49 25.57
N LYS C 65 33.59 30.51 24.77
CA LYS C 65 34.02 31.80 25.32
C LYS C 65 33.00 32.28 26.31
N GLY C 66 33.46 32.77 27.46
CA GLY C 66 32.55 33.34 28.42
C GLY C 66 31.93 32.32 29.35
N ARG C 67 32.09 31.04 29.02
CA ARG C 67 31.61 30.00 29.89
C ARG C 67 32.73 29.15 30.50
N PHE C 68 33.82 28.90 29.76
CA PHE C 68 34.88 28.05 30.27
C PHE C 68 36.08 28.93 30.58
N THR C 69 36.92 28.51 31.52
CA THR C 69 38.12 29.24 31.90
C THR C 69 39.26 28.24 32.00
N VAL C 70 40.36 28.47 31.30
CA VAL C 70 41.51 27.57 31.38
C VAL C 70 42.52 28.19 32.32
N SER C 71 43.23 27.35 33.07
CA SER C 71 44.25 27.80 33.98
C SER C 71 45.28 26.70 34.19
N ARG C 72 46.39 27.04 34.83
CA ARG C 72 47.41 26.04 35.12
C ARG C 72 48.13 26.37 36.41
N ASP C 73 48.71 25.34 37.02
CA ASP C 73 49.54 25.50 38.19
C ASP C 73 50.85 24.82 37.88
N ASN C 74 51.85 25.61 37.51
CA ASN C 74 53.10 25.00 37.08
C ASN C 74 53.82 24.26 38.20
N SER C 75 53.60 24.67 39.46
CA SER C 75 54.23 23.99 40.58
C SER C 75 53.68 22.59 40.77
N LYS C 76 52.50 22.33 40.22
CA LYS C 76 51.89 20.99 40.32
C LYS C 76 51.85 20.28 38.97
N ASN C 77 52.38 20.94 37.95
CA ASN C 77 52.37 20.37 36.61
C ASN C 77 50.96 19.98 36.20
N THR C 78 50.03 20.85 36.54
CA THR C 78 48.64 20.59 36.25
C THR C 78 47.99 21.69 35.42
N LEU C 79 47.19 21.26 34.45
CA LEU C 79 46.34 22.11 33.64
C LEU C 79 44.87 21.94 34.09
N TYR C 80 44.09 23.01 34.08
CA TYR C 80 42.70 22.94 34.47
C TYR C 80 41.75 23.48 33.41
N LEU C 81 40.52 22.96 33.40
CA LEU C 81 39.48 23.61 32.62
C LEU C 81 38.27 23.77 33.52
N GLN C 82 37.92 25.00 33.85
CA GLN C 82 36.71 25.26 34.64
C GLN C 82 35.55 25.45 33.67
N MET C 83 34.55 24.58 33.74
CA MET C 83 33.44 24.65 32.81
C MET C 83 32.17 25.13 33.54
N ASN C 84 31.67 26.32 33.16
CA ASN C 84 30.45 26.86 33.75
C ASN C 84 29.33 26.97 32.71
N SER C 85 28.10 27.12 33.18
CA SER C 85 26.94 27.31 32.29
C SER C 85 26.87 26.22 31.25
N LEU C 86 26.99 24.98 31.69
CA LEU C 86 27.08 23.85 30.78
C LEU C 86 25.83 23.67 29.91
N ARG C 87 26.04 23.24 28.68
CA ARG C 87 24.97 22.97 27.75
C ARG C 87 25.08 21.50 27.34
N ALA C 88 23.99 20.94 26.84
CA ALA C 88 24.01 19.56 26.39
C ALA C 88 25.07 19.32 25.31
N GLU C 89 25.22 20.28 24.40
CA GLU C 89 26.17 20.12 23.32
C GLU C 89 27.61 20.17 23.82
N ASP C 90 27.81 20.45 25.10
CA ASP C 90 29.16 20.35 25.65
C ASP C 90 29.56 18.89 25.98
N THR C 91 28.63 17.93 25.85
CA THR C 91 28.97 16.55 26.11
C THR C 91 30.10 16.03 25.20
N SER C 92 31.13 15.44 25.78
CA SER C 92 32.35 15.14 24.99
C SER C 92 33.40 14.44 25.80
N VAL C 93 34.33 13.81 25.12
CA VAL C 93 35.58 13.45 25.74
C VAL C 93 36.47 14.68 25.62
N TYR C 94 37.06 15.10 26.74
CA TYR C 94 37.96 16.25 26.77
C TYR C 94 39.39 15.77 26.88
N TYR C 95 40.24 16.21 25.96
CA TYR C 95 41.64 15.81 25.93
C TYR C 95 42.49 17.03 26.27
N CYS C 96 43.65 16.82 26.90
CA CYS C 96 44.63 17.86 26.98
C CYS C 96 45.79 17.41 26.10
N ALA C 97 46.52 18.41 25.60
CA ALA C 97 47.61 18.18 24.69
C ALA C 97 48.66 19.25 24.82
N ARG C 98 49.91 18.84 24.71
CA ARG C 98 51.00 19.79 24.78
C ARG C 98 51.13 20.51 23.47
N GLU C 99 51.39 21.80 23.53
CA GLU C 99 51.61 22.57 22.31
C GLU C 99 52.72 21.96 21.52
N LEU C 100 52.61 22.10 20.19
CA LEU C 100 53.59 21.56 19.29
C LEU C 100 55.02 22.04 19.59
N LEU C 101 55.21 23.36 19.65
CA LEU C 101 56.55 23.93 19.78
C LEU C 101 56.75 24.74 21.07
N MET C 102 57.94 24.63 21.67
N MET C 102 57.91 24.63 21.69
CA MET C 102 58.34 25.44 22.82
CA MET C 102 58.21 25.52 22.80
C MET C 102 58.53 26.93 22.45
C MET C 102 58.28 26.96 22.30
N ASP C 103 59.10 27.17 21.29
CA ASP C 103 59.36 28.51 20.77
C ASP C 103 58.31 28.88 19.76
N TYR C 104 57.96 30.15 19.73
CA TYR C 104 56.91 30.65 18.87
C TYR C 104 57.46 31.08 17.51
N TYR C 105 56.77 30.66 16.46
CA TYR C 105 57.03 31.09 15.10
C TYR C 105 55.77 31.56 14.43
N ASP C 106 55.85 32.70 13.77
CA ASP C 106 54.66 33.37 13.28
C ASP C 106 54.12 32.75 12.01
N HIS C 107 54.80 31.76 11.45
CA HIS C 107 54.25 31.03 10.32
C HIS C 107 53.66 29.71 10.79
N ILE C 108 53.74 29.42 12.08
CA ILE C 108 53.24 28.17 12.62
C ILE C 108 52.09 28.40 13.58
N GLY C 109 52.18 29.42 14.41
CA GLY C 109 51.11 29.69 15.37
C GLY C 109 51.08 28.64 16.47
N TYR C 110 49.91 28.41 17.05
CA TYR C 110 49.73 27.36 18.07
C TYR C 110 48.91 26.21 17.52
N SER C 111 49.19 25.02 18.02
CA SER C 111 48.45 23.82 17.62
C SER C 111 48.77 22.64 18.54
N PRO C 112 47.82 21.69 18.67
CA PRO C 112 48.12 20.55 19.52
C PRO C 112 49.30 19.75 18.96
N GLY C 113 50.19 19.34 19.85
CA GLY C 113 51.40 18.64 19.47
C GLY C 113 51.28 17.13 19.58
N PRO C 114 52.40 16.47 19.86
CA PRO C 114 52.43 15.02 19.84
C PRO C 114 51.93 14.36 21.12
N THR C 115 51.79 15.10 22.21
CA THR C 115 51.48 14.51 23.50
C THR C 115 50.08 14.85 23.89
N TRP C 116 49.25 13.81 24.00
CA TRP C 116 47.85 13.90 24.36
C TRP C 116 47.58 12.97 25.53
N GLY C 117 46.65 13.35 26.39
CA GLY C 117 46.17 12.45 27.43
C GLY C 117 45.16 11.47 26.89
N GLN C 118 44.63 10.62 27.76
CA GLN C 118 43.74 9.57 27.31
C GLN C 118 42.30 10.06 27.15
N GLY C 119 42.02 11.21 27.71
CA GLY C 119 40.72 11.84 27.62
C GLY C 119 39.86 11.52 28.83
N THR C 120 38.98 12.45 29.17
CA THR C 120 37.98 12.20 30.24
C THR C 120 36.59 12.59 29.74
N LEU C 121 35.60 11.73 29.98
CA LEU C 121 34.26 11.94 29.44
C LEU C 121 33.39 12.86 30.32
N VAL C 122 32.76 13.85 29.69
CA VAL C 122 31.81 14.75 30.34
C VAL C 122 30.46 14.66 29.66
N THR C 123 29.44 14.32 30.46
CA THR C 123 28.08 14.17 29.95
C THR C 123 27.12 15.21 30.54
N VAL C 124 26.50 16.00 29.69
CA VAL C 124 25.58 17.05 30.12
C VAL C 124 24.19 16.67 29.68
N SER C 125 23.34 16.29 30.62
CA SER C 125 22.01 15.83 30.30
C SER C 125 21.07 16.22 31.41
N SER C 126 19.88 16.66 31.04
CA SER C 126 18.85 16.91 32.03
C SER C 126 17.93 15.69 32.17
N ALA C 127 18.12 14.69 31.30
CA ALA C 127 17.22 13.52 31.28
C ALA C 127 17.27 12.69 32.57
N SER C 128 16.13 12.08 32.90
CA SER C 128 16.04 11.20 34.06
C SER C 128 15.61 9.82 33.58
N THR C 129 15.90 8.82 34.40
CA THR C 129 15.57 7.45 34.04
C THR C 129 14.18 7.35 33.43
N LYS C 130 14.12 6.68 32.28
CA LYS C 130 12.85 6.51 31.58
C LYS C 130 12.89 5.27 30.70
N GLY C 131 11.90 4.39 30.87
CA GLY C 131 11.83 3.18 30.08
C GLY C 131 11.29 3.44 28.68
N PRO C 132 11.55 2.53 27.75
CA PRO C 132 11.19 2.78 26.36
C PRO C 132 9.77 2.50 26.02
N SER C 133 9.27 3.18 25.00
CA SER C 133 8.08 2.73 24.30
C SER C 133 8.54 1.77 23.22
N VAL C 134 7.79 0.72 22.98
CA VAL C 134 8.17 -0.25 21.98
C VAL C 134 7.07 -0.37 20.93
N PHE C 135 7.44 -0.19 19.66
CA PHE C 135 6.49 -0.31 18.56
C PHE C 135 6.93 -1.40 17.59
N PRO C 136 5.98 -2.14 17.03
CA PRO C 136 6.35 -3.17 16.08
C PRO C 136 6.66 -2.58 14.73
N LEU C 137 7.67 -3.14 14.05
CA LEU C 137 7.97 -2.81 12.66
C LEU C 137 7.53 -4.02 11.86
N ALA C 138 6.32 -3.95 11.30
CA ALA C 138 5.70 -5.12 10.73
C ALA C 138 6.37 -5.49 9.43
N PRO C 139 6.45 -6.79 9.16
CA PRO C 139 6.87 -7.26 7.85
C PRO C 139 5.76 -6.93 6.85
N SER C 140 6.16 -6.54 5.65
CA SER C 140 5.22 -6.28 4.56
C SER C 140 5.89 -6.59 3.23
N SER C 141 5.23 -6.24 2.13
CA SER C 141 5.83 -6.42 0.81
C SER C 141 7.03 -5.47 0.62
N LYS C 142 6.96 -4.29 1.25
CA LYS C 142 8.00 -3.27 1.09
C LYS C 142 9.26 -3.58 1.89
N SER C 143 9.13 -4.43 2.91
CA SER C 143 10.29 -4.85 3.70
C SER C 143 10.73 -6.26 3.28
N THR C 144 10.46 -6.60 2.03
CA THR C 144 10.74 -7.95 1.53
C THR C 144 11.75 -7.92 0.39
N SER C 145 12.72 -8.83 0.48
CA SER C 145 13.67 -9.05 -0.61
C SER C 145 13.46 -10.47 -1.15
N GLY C 146 14.12 -10.78 -2.24
CA GLY C 146 14.01 -12.10 -2.84
C GLY C 146 14.34 -13.20 -1.84
N GLY C 147 13.30 -13.83 -1.29
CA GLY C 147 13.47 -14.95 -0.40
C GLY C 147 13.38 -14.57 1.07
N THR C 148 13.74 -13.34 1.40
CA THR C 148 13.79 -12.93 2.80
C THR C 148 12.93 -11.71 3.08
N ALA C 149 12.58 -11.54 4.36
CA ALA C 149 11.75 -10.43 4.79
C ALA C 149 12.30 -9.89 6.10
N ALA C 150 12.12 -8.60 6.33
CA ALA C 150 12.58 -7.97 7.56
C ALA C 150 11.40 -7.55 8.42
N LEU C 151 11.55 -7.75 9.72
CA LEU C 151 10.59 -7.26 10.69
C LEU C 151 11.36 -6.82 11.91
N GLY C 152 10.74 -6.06 12.79
CA GLY C 152 11.51 -5.56 13.92
C GLY C 152 10.75 -4.88 15.00
N CYS C 153 11.50 -4.28 15.91
N CYS C 153 11.47 -4.29 15.94
CA CYS C 153 10.94 -3.48 16.99
CA CYS C 153 10.84 -3.45 16.92
C CYS C 153 11.66 -2.15 17.10
C CYS C 153 11.64 -2.17 17.09
N LEU C 154 10.89 -1.09 17.24
CA LEU C 154 11.42 0.23 17.43
C LEU C 154 11.32 0.50 18.90
N VAL C 155 12.47 0.75 19.52
CA VAL C 155 12.56 0.96 20.96
C VAL C 155 12.85 2.44 21.17
N LYS C 156 11.84 3.17 21.58
CA LYS C 156 11.84 4.63 21.52
C LYS C 156 11.90 5.30 22.88
N ASP C 157 12.66 6.38 22.93
CA ASP C 157 12.61 7.35 24.01
C ASP C 157 12.93 6.80 25.39
N TYR C 158 14.10 6.18 25.54
CA TYR C 158 14.53 5.69 26.83
C TYR C 158 15.79 6.40 27.31
N PHE C 159 16.11 6.24 28.59
CA PHE C 159 17.31 6.83 29.16
C PHE C 159 17.59 6.22 30.53
N PRO C 160 18.87 5.94 30.84
CA PRO C 160 20.04 6.02 29.99
C PRO C 160 20.22 4.74 29.20
N GLU C 161 21.27 4.65 28.39
CA GLU C 161 21.73 3.37 27.86
C GLU C 161 22.11 2.45 29.02
N PRO C 162 22.02 1.12 28.81
CA PRO C 162 21.65 0.48 27.55
C PRO C 162 20.31 -0.18 27.63
N VAL C 163 19.83 -0.66 26.48
CA VAL C 163 18.73 -1.59 26.43
C VAL C 163 19.25 -2.88 25.78
N THR C 164 18.66 -4.01 26.14
CA THR C 164 18.95 -5.26 25.44
C THR C 164 17.67 -5.67 24.73
N VAL C 165 17.83 -6.28 23.57
CA VAL C 165 16.72 -6.83 22.84
C VAL C 165 17.08 -8.25 22.49
N SER C 166 16.18 -9.15 22.86
CA SER C 166 16.24 -10.51 22.37
C SER C 166 14.94 -10.79 21.61
N TRP C 167 14.95 -11.91 20.90
CA TRP C 167 13.78 -12.35 20.14
C TRP C 167 13.42 -13.78 20.58
N ASN C 168 12.12 -13.98 20.83
CA ASN C 168 11.64 -15.27 21.28
C ASN C 168 12.43 -15.77 22.46
N SER C 169 12.66 -14.88 23.40
CA SER C 169 13.33 -15.17 24.65
C SER C 169 14.71 -15.74 24.44
N GLY C 170 15.36 -15.31 23.37
CA GLY C 170 16.70 -15.75 23.08
C GLY C 170 16.82 -16.94 22.14
N ALA C 171 15.68 -17.54 21.80
CA ALA C 171 15.69 -18.71 20.93
C ALA C 171 16.00 -18.35 19.49
N LEU C 172 15.64 -17.13 19.10
CA LEU C 172 15.88 -16.68 17.74
C LEU C 172 17.07 -15.73 17.74
N THR C 173 18.17 -16.18 17.13
CA THR C 173 19.41 -15.40 17.06
C THR C 173 19.90 -15.21 15.64
N SER C 174 19.63 -16.18 14.78
CA SER C 174 20.01 -16.06 13.38
C SER C 174 19.17 -14.99 12.70
N GLY C 175 19.86 -14.06 12.05
CA GLY C 175 19.18 -13.02 11.28
C GLY C 175 18.85 -11.81 12.12
N VAL C 176 19.18 -11.85 13.42
CA VAL C 176 18.89 -10.74 14.30
C VAL C 176 19.99 -9.69 14.22
N HIS C 177 19.57 -8.43 14.12
CA HIS C 177 20.49 -7.31 14.07
C HIS C 177 19.95 -6.13 14.87
N THR C 178 20.54 -5.89 16.04
CA THR C 178 20.14 -4.76 16.85
C THR C 178 21.12 -3.60 16.57
N PHE C 179 20.55 -2.51 16.08
CA PHE C 179 21.32 -1.36 15.61
C PHE C 179 21.71 -0.49 16.80
N PRO C 180 22.89 0.13 16.73
CA PRO C 180 23.21 1.11 17.77
C PRO C 180 22.21 2.24 17.86
N ALA C 181 22.05 2.77 19.07
CA ALA C 181 21.08 3.79 19.35
C ALA C 181 21.44 5.16 18.81
N VAL C 182 20.40 5.93 18.51
N VAL C 182 20.40 5.91 18.45
CA VAL C 182 20.53 7.33 18.18
CA VAL C 182 20.55 7.34 18.21
C VAL C 182 20.19 8.16 19.42
C VAL C 182 20.29 8.08 19.51
N LEU C 183 20.97 9.21 19.67
CA LEU C 183 20.69 10.10 20.78
C LEU C 183 20.00 11.33 20.20
N GLN C 184 18.71 11.43 20.48
CA GLN C 184 17.86 12.50 19.95
C GLN C 184 18.06 13.82 20.67
N SER C 185 17.60 14.90 20.06
CA SER C 185 17.74 16.24 20.63
C SER C 185 17.01 16.37 21.97
N SER C 186 16.12 15.44 22.25
CA SER C 186 15.37 15.47 23.49
C SER C 186 16.21 15.01 24.68
N GLY C 187 17.34 14.39 24.39
CA GLY C 187 18.15 13.77 25.42
C GLY C 187 17.84 12.30 25.65
N LEU C 188 16.89 11.75 24.91
CA LEU C 188 16.51 10.33 25.03
C LEU C 188 17.03 9.55 23.84
N TYR C 189 17.24 8.24 24.04
CA TYR C 189 17.74 7.34 23.01
C TYR C 189 16.60 6.57 22.33
N SER C 190 16.83 6.17 21.09
CA SER C 190 15.99 5.21 20.39
C SER C 190 16.88 4.25 19.62
N LEU C 191 16.45 3.01 19.47
CA LEU C 191 17.15 2.08 18.61
C LEU C 191 16.15 1.15 17.95
N SER C 192 16.60 0.39 16.98
CA SER C 192 15.76 -0.61 16.31
C SER C 192 16.45 -1.95 16.31
N SER C 193 15.67 -3.02 16.47
CA SER C 193 16.18 -4.36 16.28
C SER C 193 15.36 -5.01 15.18
N VAL C 194 16.07 -5.60 14.20
CA VAL C 194 15.42 -6.15 13.02
C VAL C 194 15.80 -7.63 12.87
N VAL C 195 14.84 -8.44 12.45
CA VAL C 195 15.10 -9.84 12.16
C VAL C 195 14.87 -10.04 10.69
N THR C 196 15.87 -10.64 10.02
CA THR C 196 15.72 -11.00 8.64
C THR C 196 15.42 -12.49 8.61
N VAL C 197 14.35 -12.86 7.95
CA VAL C 197 13.93 -14.26 7.91
C VAL C 197 13.55 -14.64 6.50
N PRO C 198 13.60 -15.94 6.19
CA PRO C 198 13.02 -16.35 4.91
C PRO C 198 11.53 -16.04 4.93
N SER C 199 10.99 -15.49 3.84
CA SER C 199 9.59 -15.10 3.80
C SER C 199 8.64 -16.25 4.18
N SER C 200 9.11 -17.48 3.99
CA SER C 200 8.30 -18.66 4.28
C SER C 200 7.81 -18.65 5.73
N SER C 201 8.69 -18.28 6.65
CA SER C 201 8.42 -18.43 8.08
C SER C 201 7.27 -17.55 8.56
N LEU C 202 7.16 -16.36 7.99
CA LEU C 202 6.30 -15.32 8.52
C LEU C 202 4.96 -15.81 9.07
N GLY C 203 4.32 -16.71 8.35
CA GLY C 203 2.98 -17.14 8.71
C GLY C 203 2.87 -17.87 10.04
N THR C 204 3.49 -19.04 10.12
CA THR C 204 3.35 -19.92 11.29
C THR C 204 4.21 -19.46 12.47
N GLN C 205 5.50 -19.27 12.20
CA GLN C 205 6.44 -18.81 13.21
C GLN C 205 5.94 -17.51 13.80
N THR C 206 6.03 -17.36 15.13
CA THR C 206 5.75 -16.08 15.75
C THR C 206 7.07 -15.40 16.14
N TYR C 207 7.01 -14.08 16.25
CA TYR C 207 8.18 -13.26 16.53
C TYR C 207 7.84 -12.27 17.63
N ILE C 208 8.48 -12.44 18.78
CA ILE C 208 8.26 -11.57 19.93
C ILE C 208 9.58 -10.92 20.27
N CYS C 209 9.60 -9.60 20.31
N CYS C 209 9.53 -9.60 20.44
CA CYS C 209 10.82 -8.95 20.77
CA CYS C 209 10.71 -8.78 20.76
C CYS C 209 10.70 -8.71 22.25
C CYS C 209 10.79 -8.46 22.25
N ASN C 210 11.76 -9.04 22.95
CA ASN C 210 11.87 -8.89 24.38
C ASN C 210 12.85 -7.79 24.68
N VAL C 211 12.34 -6.69 25.21
CA VAL C 211 13.17 -5.52 25.45
C VAL C 211 13.38 -5.37 26.95
N ASN C 212 14.62 -5.26 27.37
CA ASN C 212 14.93 -5.08 28.77
C ASN C 212 15.70 -3.78 28.93
N HIS C 213 15.18 -2.91 29.76
CA HIS C 213 15.87 -1.68 30.11
C HIS C 213 16.14 -1.72 31.57
N LYS C 214 17.28 -2.29 31.92
CA LYS C 214 17.61 -2.50 33.32
C LYS C 214 17.66 -1.21 34.14
N PRO C 215 18.13 -0.08 33.55
CA PRO C 215 18.18 1.12 34.40
C PRO C 215 16.84 1.56 34.98
N SER C 216 15.73 1.32 34.27
CA SER C 216 14.42 1.67 34.75
C SER C 216 13.64 0.44 35.23
N ASN C 217 14.29 -0.71 35.18
CA ASN C 217 13.65 -1.97 35.57
C ASN C 217 12.34 -2.13 34.82
N THR C 218 12.41 -1.91 33.52
CA THR C 218 11.28 -2.10 32.64
C THR C 218 11.58 -3.25 31.69
N LYS C 219 10.66 -4.19 31.54
CA LYS C 219 10.73 -5.21 30.48
C LYS C 219 9.46 -5.15 29.65
N VAL C 220 9.61 -5.25 28.33
CA VAL C 220 8.47 -5.24 27.43
C VAL C 220 8.59 -6.38 26.46
N ASP C 221 7.54 -7.17 26.32
CA ASP C 221 7.44 -8.12 25.20
C ASP C 221 6.42 -7.58 24.21
N LYS C 222 6.76 -7.61 22.94
CA LYS C 222 5.85 -7.20 21.89
C LYS C 222 5.87 -8.23 20.73
N ARG C 223 4.71 -8.75 20.38
CA ARG C 223 4.58 -9.60 19.20
C ARG C 223 4.54 -8.74 17.95
N VAL C 224 5.31 -9.15 16.94
CA VAL C 224 5.37 -8.40 15.70
C VAL C 224 4.75 -9.27 14.62
N GLU C 225 3.68 -8.79 14.00
CA GLU C 225 2.92 -9.57 13.02
C GLU C 225 2.75 -8.78 11.74
N PRO C 226 2.49 -9.47 10.62
CA PRO C 226 2.07 -8.78 9.40
C PRO C 226 0.80 -7.97 9.68
N LYS C 227 0.61 -6.87 8.97
CA LYS C 227 -0.55 -5.98 9.18
C LYS C 227 -1.84 -6.61 8.65
N SER C 228 -2.96 -6.25 9.27
CA SER C 228 -4.26 -6.77 8.86
C SER C 228 -5.36 -5.73 9.08
N PRO D 2 34.48 27.52 10.71
CA PRO D 2 34.52 26.94 12.06
C PRO D 2 35.22 25.57 12.03
N VAL D 3 35.10 24.88 10.89
CA VAL D 3 35.70 23.57 10.65
C VAL D 3 36.37 23.58 9.26
N LEU D 4 37.62 23.16 9.15
CA LEU D 4 38.25 23.07 7.82
C LEU D 4 37.57 21.98 7.00
N THR D 5 37.52 22.15 5.69
CA THR D 5 36.79 21.19 4.83
C THR D 5 37.59 19.98 4.34
N GLN D 6 37.20 18.79 4.78
CA GLN D 6 37.83 17.53 4.37
C GLN D 6 36.76 16.63 3.77
N PRO D 7 37.17 15.74 2.84
CA PRO D 7 36.21 14.73 2.39
C PRO D 7 35.84 13.82 3.56
N PRO D 8 34.57 13.41 3.68
CA PRO D 8 34.14 12.53 4.79
C PRO D 8 34.90 11.18 4.81
N SER D 9 35.22 10.67 3.63
CA SER D 9 35.87 9.38 3.54
C SER D 9 36.75 9.30 2.33
N ALA D 10 37.62 8.29 2.37
CA ALA D 10 38.55 7.97 1.32
C ALA D 10 38.92 6.50 1.44
N SER D 11 39.38 5.92 0.35
CA SER D 11 39.83 4.56 0.43
C SER D 11 40.92 4.27 -0.57
N GLY D 12 41.69 3.23 -0.32
CA GLY D 12 42.66 2.80 -1.28
C GLY D 12 43.01 1.36 -0.99
N SER D 13 43.53 0.68 -1.99
CA SER D 13 44.10 -0.63 -1.80
C SER D 13 45.54 -0.53 -1.30
N PRO D 14 46.02 -1.56 -0.57
CA PRO D 14 47.41 -1.57 -0.08
C PRO D 14 48.43 -1.36 -1.21
N GLY D 15 49.46 -0.56 -0.96
CA GLY D 15 50.44 -0.22 -1.99
C GLY D 15 50.08 0.99 -2.79
N GLN D 16 48.80 1.34 -2.80
CA GLN D 16 48.36 2.49 -3.57
C GLN D 16 48.70 3.78 -2.82
N ARG D 17 48.61 4.88 -3.55
CA ARG D 17 48.81 6.18 -2.96
C ARG D 17 47.44 6.82 -2.83
N VAL D 18 47.21 7.50 -1.71
N VAL D 18 47.20 7.49 -1.70
CA VAL D 18 45.97 8.22 -1.49
CA VAL D 18 45.97 8.23 -1.51
C VAL D 18 46.27 9.61 -0.95
C VAL D 18 46.34 9.63 -1.06
N THR D 19 45.49 10.59 -1.37
CA THR D 19 45.67 11.95 -0.88
C THR D 19 44.40 12.38 -0.21
N ILE D 20 44.53 13.25 0.79
CA ILE D 20 43.36 13.72 1.52
C ILE D 20 43.47 15.22 1.60
N SER D 21 42.48 15.93 1.08
CA SER D 21 42.54 17.39 0.98
C SER D 21 41.96 18.07 2.21
N CYS D 22 42.32 19.33 2.42
CA CYS D 22 41.95 20.11 3.59
C CYS D 22 41.87 21.55 3.11
N SER D 23 40.65 22.09 3.03
CA SER D 23 40.43 23.42 2.49
C SER D 23 40.05 24.41 3.59
N GLY D 24 40.68 25.58 3.55
CA GLY D 24 40.38 26.64 4.51
C GLY D 24 40.31 28.03 3.94
N SER D 25 41.05 28.97 4.51
CA SER D 25 40.90 30.36 4.16
C SER D 25 42.21 31.05 4.46
N SER D 26 42.30 32.31 4.08
N SER D 26 42.28 32.31 4.08
CA SER D 26 43.55 33.04 4.24
CA SER D 26 43.50 33.08 4.21
C SER D 26 44.07 33.12 5.67
C SER D 26 44.04 33.18 5.64
N SER D 27 43.15 33.21 6.63
CA SER D 27 43.56 33.43 8.03
C SER D 27 44.07 32.17 8.74
N ASN D 28 43.81 31.00 8.14
CA ASN D 28 44.33 29.77 8.67
C ASN D 28 45.38 29.19 7.73
N ILE D 29 45.00 28.37 6.76
CA ILE D 29 45.96 27.68 5.93
C ILE D 29 46.76 28.68 5.07
N GLY D 30 46.16 29.81 4.71
CA GLY D 30 46.89 30.81 3.93
C GLY D 30 47.99 31.52 4.71
N SER D 31 48.01 31.36 6.02
CA SER D 31 48.89 32.12 6.91
C SER D 31 49.74 31.25 7.82
N TYR D 32 49.25 30.06 8.16
CA TYR D 32 49.90 29.18 9.13
C TYR D 32 50.05 27.78 8.58
N THR D 33 51.02 27.04 9.08
CA THR D 33 51.20 25.69 8.64
C THR D 33 50.05 24.78 9.13
N VAL D 34 49.93 23.64 8.46
CA VAL D 34 48.90 22.67 8.77
C VAL D 34 49.48 21.43 9.42
N ASN D 35 48.80 20.96 10.47
CA ASN D 35 49.14 19.70 11.12
C ASN D 35 48.15 18.66 10.69
N TRP D 36 48.59 17.42 10.68
CA TRP D 36 47.73 16.27 10.41
C TRP D 36 47.83 15.31 11.57
N TYR D 37 46.67 14.76 11.96
CA TYR D 37 46.55 13.79 13.02
C TYR D 37 45.84 12.52 12.53
N GLN D 38 46.21 11.39 13.10
CA GLN D 38 45.61 10.11 12.77
C GLN D 38 44.95 9.60 14.03
N GLN D 39 43.69 9.19 13.97
CA GLN D 39 42.99 8.72 15.17
C GLN D 39 42.42 7.34 14.92
N LEU D 40 42.85 6.40 15.76
CA LEU D 40 42.31 5.04 15.75
C LEU D 40 41.16 4.96 16.72
N PRO D 41 40.29 3.94 16.56
CA PRO D 41 39.11 3.88 17.43
C PRO D 41 39.48 3.84 18.92
N GLY D 42 38.78 4.66 19.70
CA GLY D 42 38.90 4.66 21.15
C GLY D 42 40.19 5.24 21.70
N THR D 43 40.95 5.92 20.86
CA THR D 43 42.28 6.37 21.25
C THR D 43 42.47 7.84 20.90
N ALA D 44 43.34 8.51 21.64
CA ALA D 44 43.65 9.90 21.32
C ALA D 44 44.25 10.05 19.92
N PRO D 45 44.04 11.20 19.30
CA PRO D 45 44.71 11.50 18.04
C PRO D 45 46.23 11.44 18.18
N LYS D 46 46.89 11.01 17.12
CA LYS D 46 48.35 10.98 17.02
C LYS D 46 48.81 11.99 15.97
N LEU D 47 49.74 12.86 16.36
CA LEU D 47 50.35 13.78 15.40
C LEU D 47 51.15 13.04 14.33
N LEU D 48 50.86 13.32 13.07
CA LEU D 48 51.45 12.62 11.95
CA LEU D 48 51.45 12.65 11.91
C LEU D 48 52.40 13.53 11.16
N ILE D 49 51.96 14.76 10.90
CA ILE D 49 52.69 15.76 10.13
C ILE D 49 52.55 17.10 10.84
N TYR D 50 53.64 17.85 10.93
CA TYR D 50 53.54 19.19 11.48
C TYR D 50 54.38 20.19 10.73
N SER D 51 54.15 21.48 10.94
N SER D 51 54.10 21.46 10.94
CA SER D 51 54.87 22.52 10.20
CA SER D 51 54.78 22.51 10.26
C SER D 51 54.74 22.30 8.69
C SER D 51 54.76 22.21 8.75
N LEU D 52 53.59 21.76 8.28
CA LEU D 52 53.32 21.43 6.89
C LEU D 52 53.91 20.12 6.39
N ASN D 53 55.19 19.88 6.73
CA ASN D 53 56.06 18.90 6.06
C ASN D 53 56.94 18.02 6.96
N GLN D 54 56.92 18.23 8.27
CA GLN D 54 57.81 17.50 9.16
C GLN D 54 57.08 16.34 9.81
N ARG D 55 57.83 15.29 10.08
CA ARG D 55 57.27 14.06 10.61
C ARG D 55 57.87 13.82 11.97
N PRO D 56 57.02 13.60 12.99
CA PRO D 56 57.50 13.17 14.30
C PRO D 56 58.19 11.81 14.23
N SER D 57 59.01 11.55 15.24
CA SER D 57 59.65 10.24 15.35
C SER D 57 58.58 9.18 15.31
N GLY D 58 58.89 8.11 14.58
CA GLY D 58 57.97 7.00 14.44
C GLY D 58 57.12 7.06 13.20
N VAL D 59 56.99 8.24 12.59
CA VAL D 59 56.15 8.33 11.42
C VAL D 59 56.94 8.13 10.13
N PRO D 60 56.56 7.11 9.34
CA PRO D 60 57.24 6.74 8.09
C PRO D 60 57.19 7.86 7.05
N ASP D 61 58.17 7.86 6.15
CA ASP D 61 58.32 8.93 5.19
C ASP D 61 57.28 8.81 4.08
N ARG D 62 56.49 7.74 4.09
CA ARG D 62 55.43 7.63 3.09
C ARG D 62 54.24 8.55 3.41
N PHE D 63 54.26 9.21 4.57
CA PHE D 63 53.34 10.30 4.90
C PHE D 63 53.98 11.65 4.59
N SER D 64 53.33 12.46 3.75
CA SER D 64 53.87 13.78 3.43
C SER D 64 52.76 14.80 3.35
N GLY D 65 53.01 16.01 3.84
CA GLY D 65 52.03 17.08 3.76
C GLY D 65 52.53 18.17 2.83
N SER D 66 51.59 18.89 2.24
CA SER D 66 51.92 20.04 1.39
C SER D 66 50.76 20.99 1.44
N LYS D 67 50.96 22.20 0.93
CA LYS D 67 49.83 23.09 0.78
C LYS D 67 50.08 24.06 -0.34
N SER D 68 48.99 24.68 -0.76
CA SER D 68 49.01 25.67 -1.84
C SER D 68 47.83 26.60 -1.62
N GLY D 69 48.14 27.87 -1.39
CA GLY D 69 47.11 28.85 -1.10
C GLY D 69 46.42 28.51 0.20
N THR D 70 45.11 28.32 0.11
CA THR D 70 44.30 28.04 1.28
C THR D 70 43.90 26.57 1.35
N SER D 71 44.53 25.71 0.56
CA SER D 71 44.26 24.28 0.64
C SER D 71 45.52 23.51 1.01
N ALA D 72 45.38 22.42 1.74
CA ALA D 72 46.48 21.56 2.15
C ALA D 72 46.15 20.11 1.79
N SER D 73 47.16 19.26 1.72
N SER D 73 47.16 19.26 1.71
CA SER D 73 46.93 17.87 1.38
CA SER D 73 46.95 17.86 1.34
C SER D 73 47.88 16.96 2.12
C SER D 73 47.90 16.91 2.02
N LEU D 74 47.36 15.81 2.53
CA LEU D 74 48.16 14.74 3.11
C LEU D 74 48.23 13.64 2.08
N ALA D 75 49.44 13.21 1.75
CA ALA D 75 49.62 12.12 0.81
C ALA D 75 50.14 10.94 1.60
N ILE D 76 49.53 9.78 1.39
CA ILE D 76 50.01 8.52 1.97
C ILE D 76 50.36 7.55 0.87
N SER D 77 51.66 7.28 0.71
CA SER D 77 52.16 6.37 -0.30
C SER D 77 52.27 4.98 0.29
N GLY D 78 52.21 3.98 -0.57
CA GLY D 78 52.37 2.59 -0.21
C GLY D 78 51.46 2.20 0.92
N LEU D 79 50.18 2.45 0.73
CA LEU D 79 49.17 2.23 1.76
CA LEU D 79 49.20 2.27 1.77
C LEU D 79 49.33 0.89 2.44
N GLN D 80 49.30 0.91 3.77
CA GLN D 80 49.34 -0.31 4.58
C GLN D 80 48.07 -0.44 5.40
N SER D 81 47.72 -1.67 5.74
CA SER D 81 46.50 -1.96 6.52
C SER D 81 46.40 -1.07 7.81
N GLU D 82 47.52 -0.90 8.50
CA GLU D 82 47.58 -0.13 9.74
C GLU D 82 47.30 1.38 9.56
N ASP D 83 47.19 1.81 8.31
CA ASP D 83 46.93 3.20 8.02
C ASP D 83 45.44 3.50 8.12
N GLU D 84 44.63 2.46 8.29
CA GLU D 84 43.18 2.65 8.38
C GLU D 84 42.82 3.36 9.67
N ALA D 85 42.27 4.56 9.52
CA ALA D 85 42.07 5.49 10.63
C ALA D 85 41.27 6.70 10.15
N VAL D 86 40.91 7.58 11.08
CA VAL D 86 40.33 8.88 10.72
C VAL D 86 41.46 9.90 10.77
N TYR D 87 41.58 10.73 9.74
CA TYR D 87 42.64 11.72 9.64
C TYR D 87 42.04 13.12 9.75
N TYR D 88 42.61 13.93 10.63
CA TYR D 88 42.16 15.31 10.82
C TYR D 88 43.29 16.27 10.48
N CYS D 89 42.95 17.36 9.80
CA CYS D 89 43.89 18.48 9.63
C CYS D 89 43.55 19.52 10.70
N ALA D 90 44.51 20.38 11.00
CA ALA D 90 44.26 21.52 11.88
C ALA D 90 45.27 22.63 11.56
N ALA D 91 44.86 23.86 11.85
CA ALA D 91 45.76 25.00 11.69
C ALA D 91 45.37 26.07 12.65
N TRP D 92 46.35 26.85 13.07
CA TRP D 92 46.03 28.10 13.76
C TRP D 92 45.32 29.05 12.80
N ASP D 93 44.51 29.93 13.35
CA ASP D 93 43.68 30.86 12.59
C ASP D 93 43.65 32.14 13.37
N ASP D 94 44.11 33.22 12.77
CA ASP D 94 44.19 34.48 13.52
C ASP D 94 43.01 35.43 13.29
N SER D 95 41.95 34.91 12.68
CA SER D 95 40.70 35.66 12.53
C SER D 95 39.92 35.63 13.83
N LEU D 96 38.97 36.57 13.93
CA LEU D 96 38.11 36.69 15.11
C LEU D 96 38.92 36.80 16.40
N SER D 97 38.72 35.91 17.34
CA SER D 97 39.68 35.73 18.41
C SER D 97 40.48 34.52 17.98
N ALA D 98 41.80 34.66 17.92
CA ALA D 98 42.65 33.64 17.32
C ALA D 98 42.43 32.26 17.92
N HIS D 99 42.46 31.21 17.10
CA HIS D 99 42.00 29.92 17.56
C HIS D 99 42.55 28.82 16.69
N VAL D 100 42.50 27.58 17.16
CA VAL D 100 42.81 26.45 16.31
C VAL D 100 41.53 26.00 15.61
N VAL D 101 41.62 25.71 14.33
CA VAL D 101 40.52 25.12 13.59
CA VAL D 101 40.52 25.11 13.60
C VAL D 101 40.91 23.70 13.17
N PHE D 102 40.06 22.73 13.48
CA PHE D 102 40.19 21.37 12.95
C PHE D 102 39.35 21.17 11.70
N GLY D 103 39.81 20.29 10.82
CA GLY D 103 38.98 19.79 9.74
C GLY D 103 37.98 18.78 10.30
N GLY D 104 37.02 18.38 9.48
CA GLY D 104 35.94 17.51 9.93
C GLY D 104 36.30 16.04 10.03
N GLY D 105 37.49 15.68 9.52
CA GLY D 105 38.01 14.34 9.54
C GLY D 105 37.65 13.57 8.28
N THR D 106 38.56 12.70 7.88
CA THR D 106 38.41 11.83 6.73
C THR D 106 38.63 10.42 7.22
N LYS D 107 37.59 9.60 7.15
CA LYS D 107 37.75 8.16 7.41
C LYS D 107 38.39 7.46 6.23
N LEU D 108 39.62 7.01 6.43
CA LEU D 108 40.34 6.27 5.41
C LEU D 108 40.20 4.77 5.61
N THR D 109 39.71 4.06 4.58
CA THR D 109 39.61 2.62 4.61
C THR D 109 40.68 2.07 3.70
N VAL D 110 41.46 1.15 4.25
CA VAL D 110 42.38 0.37 3.44
C VAL D 110 41.66 -0.91 3.02
N LEU D 111 41.36 -1.01 1.74
CA LEU D 111 40.40 -2.00 1.29
C LEU D 111 40.89 -3.41 1.59
N GLY D 112 40.09 -4.17 2.32
CA GLY D 112 40.51 -5.50 2.76
C GLY D 112 39.44 -6.56 2.56
N GLN D 113 38.43 -6.21 1.76
CA GLN D 113 37.39 -7.15 1.36
C GLN D 113 36.63 -6.49 0.22
N PRO D 114 35.78 -7.25 -0.48
CA PRO D 114 35.18 -6.62 -1.67
C PRO D 114 34.17 -5.52 -1.33
N LYS D 115 34.02 -4.55 -2.23
CA LYS D 115 33.06 -3.50 -2.03
C LYS D 115 31.67 -4.11 -1.90
N ALA D 116 30.88 -3.53 -1.01
CA ALA D 116 29.56 -4.05 -0.75
C ALA D 116 28.60 -2.88 -0.61
N ALA D 117 27.59 -2.86 -1.48
CA ALA D 117 26.55 -1.85 -1.46
C ALA D 117 25.62 -2.11 -0.28
N PRO D 118 25.09 -1.04 0.32
CA PRO D 118 24.17 -1.24 1.45
C PRO D 118 22.89 -1.93 1.05
N SER D 119 22.40 -2.76 1.95
CA SER D 119 21.02 -3.20 1.89
C SER D 119 20.24 -2.20 2.71
N VAL D 120 19.09 -1.77 2.19
CA VAL D 120 18.29 -0.75 2.85
C VAL D 120 16.88 -1.25 3.09
N THR D 121 16.41 -1.11 4.32
CA THR D 121 15.03 -1.43 4.66
C THR D 121 14.36 -0.21 5.27
N LEU D 122 13.18 0.16 4.75
CA LEU D 122 12.47 1.36 5.22
C LEU D 122 11.11 0.97 5.79
N PHE D 123 10.91 1.24 7.08
CA PHE D 123 9.65 0.94 7.72
C PHE D 123 8.85 2.23 7.89
N PRO D 124 7.55 2.18 7.57
CA PRO D 124 6.66 3.31 7.85
C PRO D 124 6.28 3.33 9.32
N PRO D 125 5.63 4.41 9.77
CA PRO D 125 5.12 4.50 11.14
C PRO D 125 4.11 3.38 11.43
N SER D 126 4.19 2.80 12.61
CA SER D 126 3.23 1.78 12.99
C SER D 126 1.92 2.45 13.37
N SER D 127 0.82 1.71 13.22
CA SER D 127 -0.49 2.23 13.63
C SER D 127 -0.50 2.55 15.13
N GLU D 128 0.27 1.82 15.94
CA GLU D 128 0.32 2.12 17.36
C GLU D 128 0.97 3.46 17.60
N GLU D 129 2.07 3.74 16.91
CA GLU D 129 2.72 5.02 17.10
C GLU D 129 1.84 6.17 16.61
N LEU D 130 1.18 6.00 15.47
CA LEU D 130 0.30 7.06 14.98
C LEU D 130 -0.79 7.41 16.00
N GLN D 131 -1.30 6.40 16.69
CA GLN D 131 -2.32 6.66 17.70
C GLN D 131 -1.79 7.32 18.98
N ALA D 132 -0.47 7.34 19.13
CA ALA D 132 0.19 8.04 20.20
C ALA D 132 0.54 9.45 19.72
N ASN D 133 0.09 9.78 18.52
CA ASN D 133 0.24 11.11 17.94
C ASN D 133 1.70 11.39 17.53
N LYS D 134 2.40 10.33 17.13
CA LYS D 134 3.77 10.48 16.65
C LYS D 134 3.96 9.66 15.38
N ALA D 135 5.05 9.90 14.69
CA ALA D 135 5.30 9.20 13.45
C ALA D 135 6.80 9.17 13.16
N THR D 136 7.36 7.96 13.17
CA THR D 136 8.76 7.75 12.88
C THR D 136 8.92 6.82 11.67
N LEU D 137 9.73 7.28 10.71
CA LEU D 137 10.11 6.45 9.59
C LEU D 137 11.50 5.92 9.92
N VAL D 138 11.72 4.64 9.69
CA VAL D 138 12.96 3.98 10.09
C VAL D 138 13.64 3.40 8.88
N CYS D 139 14.80 3.97 8.55
CA CYS D 139 15.62 3.47 7.46
C CYS D 139 16.84 2.73 8.00
N LEU D 140 16.88 1.43 7.77
CA LEU D 140 17.94 0.58 8.30
C LEU D 140 18.94 0.27 7.19
N ILE D 141 20.22 0.47 7.48
CA ILE D 141 21.25 0.40 6.48
C ILE D 141 22.37 -0.54 6.93
N SER D 142 22.61 -1.59 6.16
CA SER D 142 23.47 -2.67 6.66
C SER D 142 24.33 -3.28 5.59
N ASP D 143 25.36 -3.99 6.03
CA ASP D 143 26.21 -4.77 5.14
C ASP D 143 26.92 -3.94 4.07
N PHE D 144 27.26 -2.69 4.37
CA PHE D 144 28.03 -1.93 3.42
C PHE D 144 29.52 -1.89 3.77
N TYR D 145 30.33 -1.84 2.71
CA TYR D 145 31.78 -1.71 2.79
C TYR D 145 32.29 -1.01 1.53
N PRO D 146 33.12 0.05 1.65
CA PRO D 146 33.56 0.64 2.92
C PRO D 146 32.44 1.22 3.77
N GLY D 147 32.74 1.48 5.03
CA GLY D 147 31.75 1.96 5.98
C GLY D 147 31.46 3.44 5.94
N ALA D 148 31.07 3.94 4.77
CA ALA D 148 30.67 5.34 4.65
C ALA D 148 29.47 5.47 3.71
N VAL D 149 28.43 6.16 4.18
CA VAL D 149 27.25 6.44 3.38
C VAL D 149 26.74 7.85 3.65
N THR D 150 25.94 8.36 2.72
CA THR D 150 25.17 9.55 2.97
C THR D 150 23.71 9.19 2.77
N VAL D 151 22.83 9.86 3.51
CA VAL D 151 21.41 9.53 3.54
C VAL D 151 20.62 10.77 3.22
N ALA D 152 19.69 10.67 2.28
CA ALA D 152 18.82 11.78 1.89
C ALA D 152 17.37 11.32 1.96
N TRP D 153 16.54 12.11 2.65
CA TRP D 153 15.11 11.85 2.76
C TRP D 153 14.32 12.73 1.82
N LYS D 154 13.27 12.16 1.25
CA LYS D 154 12.36 12.88 0.37
C LYS D 154 10.90 12.74 0.82
N ALA D 155 10.18 13.85 0.81
CA ALA D 155 8.72 13.85 0.92
C ALA D 155 8.18 14.03 -0.48
N ASP D 156 7.47 13.04 -0.99
CA ASP D 156 7.15 13.00 -2.41
C ASP D 156 8.48 13.10 -3.19
N SER D 157 8.85 14.30 -3.63
CA SER D 157 10.11 14.50 -4.37
C SER D 157 10.97 15.60 -3.76
N SER D 158 10.49 16.24 -2.69
CA SER D 158 11.18 17.37 -2.11
C SER D 158 12.08 16.94 -0.96
N PRO D 159 13.30 17.52 -0.89
CA PRO D 159 14.23 17.20 0.19
C PRO D 159 13.71 17.57 1.56
N VAL D 160 13.75 16.60 2.47
CA VAL D 160 13.41 16.84 3.86
C VAL D 160 14.68 16.76 4.66
N LYS D 161 15.01 17.81 5.38
CA LYS D 161 16.18 17.79 6.26
C LYS D 161 15.77 17.85 7.72
N ALA D 162 14.66 18.52 8.02
CA ALA D 162 14.18 18.63 9.40
C ALA D 162 13.70 17.30 9.93
N GLY D 163 14.01 17.01 11.18
CA GLY D 163 13.52 15.81 11.84
C GLY D 163 14.31 14.56 11.54
N VAL D 164 15.50 14.72 10.98
CA VAL D 164 16.35 13.56 10.66
C VAL D 164 17.45 13.34 11.70
N GLU D 165 17.58 12.11 12.17
CA GLU D 165 18.68 11.71 13.03
C GLU D 165 19.26 10.45 12.44
N THR D 166 20.56 10.47 12.22
CA THR D 166 21.25 9.37 11.58
C THR D 166 22.47 9.01 12.43
N THR D 167 22.68 7.73 12.66
CA THR D 167 23.80 7.29 13.47
C THR D 167 25.02 7.26 12.60
N THR D 168 26.19 7.26 13.23
CA THR D 168 27.43 7.10 12.52
C THR D 168 27.61 5.62 12.21
N PRO D 169 28.15 5.29 11.03
CA PRO D 169 28.31 3.87 10.70
C PRO D 169 29.14 3.17 11.76
N SER D 170 28.81 1.91 12.01
CA SER D 170 29.44 1.14 13.07
C SER D 170 29.78 -0.23 12.51
N LYS D 171 30.94 -0.77 12.91
CA LYS D 171 31.37 -2.10 12.45
C LYS D 171 30.44 -3.20 12.95
N GLN D 172 30.09 -4.10 12.03
CA GLN D 172 29.28 -5.28 12.36
C GLN D 172 30.24 -6.44 12.63
N SER D 173 29.68 -7.56 13.08
CA SER D 173 30.48 -8.73 13.37
C SER D 173 31.19 -9.26 12.12
N ASN D 174 30.57 -9.11 10.95
CA ASN D 174 31.18 -9.59 9.70
C ASN D 174 32.12 -8.57 9.05
N ASN D 175 32.43 -7.49 9.77
CA ASN D 175 33.38 -6.47 9.32
C ASN D 175 32.82 -5.56 8.23
N LYS D 176 31.56 -5.76 7.88
CA LYS D 176 30.83 -4.76 7.12
C LYS D 176 30.26 -3.77 8.13
N TYR D 177 29.50 -2.79 7.64
CA TYR D 177 29.05 -1.71 8.51
C TYR D 177 27.53 -1.54 8.49
N ALA D 178 27.00 -0.91 9.53
CA ALA D 178 25.57 -0.63 9.68
C ALA D 178 25.32 0.78 10.14
N ALA D 179 24.17 1.32 9.77
CA ALA D 179 23.75 2.62 10.26
C ALA D 179 22.25 2.66 10.21
N SER D 180 21.66 3.64 10.87
CA SER D 180 20.21 3.77 10.78
C SER D 180 19.88 5.24 10.70
N SER D 181 18.76 5.53 10.07
CA SER D 181 18.31 6.92 9.95
C SER D 181 16.82 6.98 10.29
N TYR D 182 16.47 7.94 11.13
CA TYR D 182 15.10 8.14 11.62
C TYR D 182 14.57 9.48 11.17
N LEU D 183 13.42 9.48 10.50
CA LEU D 183 12.70 10.71 10.15
C LEU D 183 11.46 10.84 11.03
N SER D 184 11.42 11.90 11.83
CA SER D 184 10.28 12.18 12.69
C SER D 184 9.35 13.13 11.99
N LEU D 185 8.08 12.81 12.05
CA LEU D 185 7.03 13.59 11.43
C LEU D 185 5.85 13.63 12.35
N THR D 186 4.95 14.60 12.15
CA THR D 186 3.67 14.52 12.78
C THR D 186 2.83 13.58 11.96
N PRO D 187 1.81 12.97 12.58
CA PRO D 187 0.91 12.11 11.81
C PRO D 187 0.31 12.85 10.62
N GLU D 188 0.07 14.14 10.78
CA GLU D 188 -0.52 14.95 9.74
C GLU D 188 0.40 15.09 8.54
N GLN D 189 1.70 15.18 8.80
CA GLN D 189 2.69 15.24 7.72
C GLN D 189 2.74 13.92 6.99
N TRP D 190 2.76 12.82 7.75
CA TRP D 190 2.85 11.50 7.17
C TRP D 190 1.68 11.28 6.21
N LYS D 191 0.48 11.68 6.65
CA LYS D 191 -0.74 11.40 5.90
C LYS D 191 -0.96 12.32 4.70
N SER D 192 -0.44 13.54 4.77
CA SER D 192 -0.68 14.54 3.73
C SER D 192 0.12 14.28 2.46
N HIS D 193 1.35 13.80 2.59
CA HIS D 193 2.17 13.52 1.42
C HIS D 193 1.82 12.16 0.84
N ARG D 194 2.15 11.95 -0.42
CA ARG D 194 1.80 10.71 -1.10
C ARG D 194 2.81 9.61 -0.78
N SER D 195 4.06 10.01 -0.58
CA SER D 195 5.07 9.06 -0.15
C SER D 195 6.26 9.75 0.48
N TYR D 196 7.06 8.97 1.20
CA TYR D 196 8.38 9.40 1.62
C TYR D 196 9.40 8.38 1.16
N SER D 197 10.64 8.81 1.00
CA SER D 197 11.70 7.94 0.52
C SER D 197 13.00 8.17 1.31
N CYS D 198 13.77 7.11 1.46
CA CYS D 198 15.08 7.17 2.09
C CYS D 198 16.08 6.75 1.02
N GLN D 199 17.03 7.62 0.72
CA GLN D 199 17.96 7.41 -0.36
C GLN D 199 19.34 7.30 0.22
N VAL D 200 20.02 6.22 -0.08
CA VAL D 200 21.32 5.97 0.49
C VAL D 200 22.38 5.93 -0.60
N THR D 201 23.38 6.80 -0.49
CA THR D 201 24.46 6.87 -1.46
C THR D 201 25.71 6.24 -0.88
N HIS D 202 26.27 5.33 -1.65
CA HIS D 202 27.47 4.61 -1.25
C HIS D 202 28.37 4.51 -2.44
N GLU D 203 29.58 5.05 -2.30
CA GLU D 203 30.59 5.08 -3.38
C GLU D 203 29.97 5.52 -4.71
N GLY D 204 29.17 6.58 -4.65
CA GLY D 204 28.58 7.20 -5.84
C GLY D 204 27.34 6.54 -6.41
N SER D 205 26.93 5.41 -5.83
CA SER D 205 25.73 4.72 -6.32
C SER D 205 24.61 4.77 -5.29
N THR D 206 23.39 4.96 -5.76
CA THR D 206 22.27 5.15 -4.87
C THR D 206 21.32 3.93 -4.78
N VAL D 207 20.89 3.63 -3.56
CA VAL D 207 19.86 2.65 -3.30
C VAL D 207 18.71 3.37 -2.59
N GLU D 208 17.48 3.20 -3.09
CA GLU D 208 16.35 3.97 -2.59
C GLU D 208 15.16 3.05 -2.26
N LYS D 209 14.50 3.33 -1.14
CA LYS D 209 13.28 2.66 -0.74
C LYS D 209 12.24 3.74 -0.45
N THR D 210 10.98 3.40 -0.69
CA THR D 210 9.87 4.32 -0.53
C THR D 210 8.71 3.65 0.20
N VAL D 211 8.09 4.39 1.12
CA VAL D 211 6.90 3.92 1.82
C VAL D 211 5.75 4.92 1.67
N ALA D 212 4.52 4.46 1.85
CA ALA D 212 3.35 5.33 1.70
C ALA D 212 2.30 5.05 2.78
N PRO D 213 1.49 6.06 3.13
CA PRO D 213 0.40 5.91 4.08
C PRO D 213 -0.68 4.99 3.53
N THR D 214 -1.32 4.21 4.39
CA THR D 214 -2.39 3.30 3.94
C THR D 214 -3.42 3.08 5.03
#